data_5DKX
#
_entry.id   5DKX
#
_cell.length_a   189.026
_cell.length_b   189.026
_cell.length_c   157.181
_cell.angle_alpha   90.00
_cell.angle_beta   90.00
_cell.angle_gamma   120.00
#
_symmetry.space_group_name_H-M   'H 3 2'
#
loop_
_entity.id
_entity.type
_entity.pdbx_description
1 polymer 'Alpha glucosidase-like protein'
2 non-polymer 2-AMINO-2-HYDROXYMETHYL-PROPANE-1,3-DIOL
3 non-polymer 'CHLORIDE ION'
4 water water
#
_entity_poly.entity_id   1
_entity_poly.type   'polypeptide(L)'
_entity_poly.pdbx_seq_one_letter_code
;GSEFVKEHDWKKCDQSGFCRRNRAYADHALSAISWESPYKIAPETGSFKDGQYQAIILKTINDHGETVRLPLTVSFLESG
TARVTIDEEKRQKGEIELRHDSKARKERYNEAEQWVIVGGMTLDKGAKVDYEDKTQMTVKYGPSSKFEATIKFAPFSIDF
KRDGASHIKFNDQGLLNIEHWRPKIDPPPEPEKKEGEQQPDKKEEAPREDDSTWWEESFGGNTDSKPRGPESVGLDISFV
GYEHVFGIPSHASPLSLKQTRGGEGNYNEPYRMYNADVFEYILDSPMTLYGSIPFMQAHRKDSSVGIFWLNAAETWVDIT
KGKDSKNPLALGVKSKITTRTHWFSESGLLDVFVFLGPTPKDIISKYAELTGTTAMPQEFSLGYHQCRWNYVSDEDVKDV
DRKMDKFNMPYDVIWLDIEYTDEKKYFTWDKHSFKDPIGMGKQLEAHGRKLVTIIDPHIKNTNNYPVVDELKSKDLAVKT
KDGSIFEGWCWPGSSHWIDAFNPAAREWWKGLFKYDKFKGTMENTFIWNDMNEPSVFNGPEVTMPKDNLHHGNWEHRDVH
NLNGMTFQNATYHALLSRKPGEHRRPFVLTRAFFAGSQRLGAMWTGDNTADWGYLKASIPMVLSQGIAGFPFAGADVGGF
FGNPDKDLLTRWYQTGIFYPFFRAHAHIDARRREPYLTGEPYNTIIAAALRLRYSLLPSWYTAFRHAHLDGTPIIKPMFY
THPSEEAGLPIDDQFFIGNTGLLAKPVTDKDRTSVDIWIPDSEVYYDYFTYDIISAAKSKTATLDAPLEKIPLLMRGGHV
FARRDIPRRSSALMKWDPYTLVVVLGNDRKAEGDLYVDDGDSFDYEKGQYIHRRFIFDANTLTSADYEGRDDASIKEGEW
LKKMRTVNVEKIIVVGAPAAWKGKKTVTVESEGKTWAAAIEYNPAEKSRAAFAVVKKVGVRVGADFKIVFG
;
_entity_poly.pdbx_strand_id   A
#
loop_
_chem_comp.id
_chem_comp.type
_chem_comp.name
_chem_comp.formula
CL non-polymer 'CHLORIDE ION' 'Cl -1'
TRS non-polymer 2-AMINO-2-HYDROXYMETHYL-PROPANE-1,3-DIOL 'C4 H12 N O3 1'
#
# COMPACT_ATOMS: atom_id res chain seq x y z
N GLU A 3 -25.15 -14.04 -2.45
CA GLU A 3 -24.26 -13.57 -3.56
C GLU A 3 -24.86 -13.91 -4.91
N PHE A 4 -24.61 -13.05 -5.88
CA PHE A 4 -25.00 -13.33 -7.24
C PHE A 4 -24.21 -14.46 -7.91
N VAL A 5 -22.90 -14.28 -8.07
CA VAL A 5 -22.09 -15.34 -8.65
C VAL A 5 -21.75 -16.39 -7.56
N LYS A 6 -21.88 -17.68 -7.92
CA LYS A 6 -21.54 -18.80 -7.01
C LYS A 6 -20.22 -19.44 -7.42
N GLU A 7 -20.04 -19.63 -8.73
CA GLU A 7 -18.86 -20.29 -9.28
C GLU A 7 -18.24 -19.39 -10.34
N HIS A 8 -17.14 -18.74 -9.98
CA HIS A 8 -16.61 -17.60 -10.73
C HIS A 8 -15.70 -18.05 -11.85
N ASP A 9 -15.62 -17.26 -12.91
CA ASP A 9 -14.76 -17.54 -14.04
C ASP A 9 -13.75 -16.41 -14.16
N TRP A 10 -12.48 -16.76 -14.04
CA TRP A 10 -11.37 -15.80 -14.17
C TRP A 10 -10.56 -16.19 -15.38
N LYS A 11 -10.18 -15.21 -16.19
CA LYS A 11 -9.32 -15.52 -17.32
C LYS A 11 -8.00 -16.06 -16.78
N LYS A 12 -7.67 -17.27 -17.21
CA LYS A 12 -6.28 -17.69 -17.25
C LYS A 12 -5.51 -16.96 -18.32
N CYS A 13 -4.19 -16.95 -18.25
CA CYS A 13 -3.42 -16.15 -19.16
CA CYS A 13 -3.36 -16.16 -19.20
C CYS A 13 -3.80 -16.49 -20.61
N ASP A 14 -4.04 -17.78 -20.88
CA ASP A 14 -4.36 -18.21 -22.21
C ASP A 14 -5.70 -17.71 -22.75
N GLN A 15 -6.60 -17.32 -21.85
CA GLN A 15 -7.92 -16.78 -22.22
C GLN A 15 -7.95 -15.25 -22.37
N SER A 16 -6.83 -14.59 -22.04
CA SER A 16 -6.64 -13.18 -22.29
C SER A 16 -5.83 -13.02 -23.56
N GLY A 17 -6.44 -12.51 -24.62
CA GLY A 17 -5.79 -12.50 -25.92
C GLY A 17 -4.40 -11.89 -25.87
N PHE A 18 -4.28 -10.71 -25.29
CA PHE A 18 -2.99 -10.00 -25.35
C PHE A 18 -1.96 -10.67 -24.45
N CYS A 19 -2.41 -11.37 -23.42
CA CYS A 19 -1.49 -12.16 -22.60
CA CYS A 19 -1.47 -12.16 -22.63
C CYS A 19 -0.97 -13.34 -23.40
N ARG A 20 -1.87 -14.04 -24.06
CA ARG A 20 -1.47 -15.12 -24.95
C ARG A 20 -0.43 -14.64 -25.97
N ARG A 21 -0.70 -13.52 -26.62
CA ARG A 21 0.21 -13.02 -27.63
C ARG A 21 1.57 -12.64 -27.03
N ASN A 22 1.60 -12.03 -25.84
CA ASN A 22 2.89 -11.66 -25.28
C ASN A 22 3.67 -12.83 -24.73
N ARG A 23 3.01 -13.81 -24.11
CA ARG A 23 3.69 -15.04 -23.74
C ARG A 23 4.22 -15.77 -24.95
N ALA A 24 3.44 -15.83 -26.03
CA ALA A 24 3.90 -16.45 -27.28
C ALA A 24 5.10 -15.70 -27.86
N TYR A 25 5.10 -14.38 -27.77
CA TYR A 25 6.22 -13.55 -28.24
C TYR A 25 7.48 -13.89 -27.48
N ALA A 26 7.36 -14.01 -26.16
CA ALA A 26 8.48 -14.47 -25.30
C ALA A 26 8.91 -15.88 -25.67
N ASP A 27 7.97 -16.77 -25.88
CA ASP A 27 8.29 -18.15 -26.22
C ASP A 27 9.08 -18.15 -27.53
N HIS A 28 8.64 -17.39 -28.51
CA HIS A 28 9.33 -17.35 -29.81
C HIS A 28 10.74 -16.76 -29.66
N ALA A 29 10.86 -15.68 -28.91
CA ALA A 29 12.14 -15.01 -28.74
C ALA A 29 13.15 -15.87 -27.99
N LEU A 30 12.69 -16.62 -26.99
CA LEU A 30 13.56 -17.51 -26.23
C LEU A 30 13.93 -18.74 -27.07
N SER A 31 13.02 -19.18 -27.95
CA SER A 31 13.29 -20.33 -28.84
C SER A 31 14.12 -19.97 -30.06
N ALA A 32 13.99 -18.75 -30.56
CA ALA A 32 14.68 -18.34 -31.77
C ALA A 32 16.19 -18.34 -31.58
N ILE A 33 16.89 -18.61 -32.68
CA ILE A 33 18.33 -18.58 -32.69
C ILE A 33 18.80 -17.18 -33.08
N SER A 34 19.65 -16.60 -32.23
CA SER A 34 20.11 -15.22 -32.41
C SER A 34 18.94 -14.26 -32.65
N TRP A 35 17.93 -14.37 -31.79
CA TRP A 35 16.80 -13.48 -31.84
C TRP A 35 17.27 -12.04 -31.71
N GLU A 36 16.80 -11.20 -32.63
CA GLU A 36 17.01 -9.76 -32.53
C GLU A 36 15.67 -9.04 -32.45
N SER A 37 15.51 -8.23 -31.41
CA SER A 37 14.38 -7.36 -31.30
C SER A 37 14.30 -6.49 -32.55
N PRO A 38 13.14 -6.47 -33.23
CA PRO A 38 13.02 -5.70 -34.49
C PRO A 38 12.73 -4.21 -34.25
N TYR A 39 13.48 -3.61 -33.32
CA TYR A 39 13.31 -2.23 -32.92
C TYR A 39 14.68 -1.58 -32.87
N LYS A 40 14.82 -0.44 -33.52
CA LYS A 40 16.07 0.29 -33.61
C LYS A 40 15.82 1.75 -33.41
N ILE A 41 16.67 2.42 -32.62
CA ILE A 41 16.71 3.87 -32.66
C ILE A 41 17.35 4.32 -33.98
N ALA A 42 16.68 5.26 -34.63
CA ALA A 42 17.24 5.98 -35.79
C ALA A 42 18.11 7.11 -35.24
N PRO A 43 19.44 6.92 -35.21
CA PRO A 43 20.31 7.76 -34.37
C PRO A 43 20.28 9.24 -34.73
N GLU A 44 20.13 9.52 -36.02
CA GLU A 44 20.01 10.89 -36.51
C GLU A 44 18.76 11.62 -35.99
N THR A 45 17.77 10.88 -35.47
CA THR A 45 16.56 11.50 -34.91
C THR A 45 16.71 11.85 -33.43
N GLY A 46 17.84 11.45 -32.83
CA GLY A 46 18.07 11.60 -31.40
C GLY A 46 18.61 12.97 -31.07
N SER A 47 18.15 13.54 -29.96
CA SER A 47 18.81 14.68 -29.36
C SER A 47 18.71 14.60 -27.84
N PHE A 48 19.80 14.98 -27.19
CA PHE A 48 19.84 15.19 -25.75
C PHE A 48 19.89 16.67 -25.41
N LYS A 49 18.98 17.12 -24.55
CA LYS A 49 19.08 18.47 -24.00
C LYS A 49 18.43 18.53 -22.64
N ASP A 50 19.11 19.14 -21.69
CA ASP A 50 18.50 19.55 -20.42
C ASP A 50 17.76 18.39 -19.76
N GLY A 51 18.45 17.27 -19.66
CA GLY A 51 17.99 16.13 -18.87
C GLY A 51 17.13 15.15 -19.62
N GLN A 52 16.95 15.32 -20.93
CA GLN A 52 16.04 14.49 -21.69
C GLN A 52 16.62 14.09 -23.05
N TYR A 53 16.58 12.80 -23.34
CA TYR A 53 16.82 12.25 -24.68
C TYR A 53 15.52 11.97 -25.38
N GLN A 54 15.39 12.44 -26.61
CA GLN A 54 14.26 12.11 -27.44
C GLN A 54 14.75 11.55 -28.77
N ALA A 55 14.07 10.54 -29.28
CA ALA A 55 14.45 9.92 -30.55
C ALA A 55 13.28 9.13 -31.08
N ILE A 56 13.41 8.63 -32.30
CA ILE A 56 12.42 7.78 -32.93
C ILE A 56 12.96 6.36 -32.96
N ILE A 57 12.19 5.43 -32.37
CA ILE A 57 12.41 4.04 -32.57
C ILE A 57 11.61 3.61 -33.80
N LEU A 58 12.31 2.91 -34.70
CA LEU A 58 11.68 2.27 -35.84
C LEU A 58 11.47 0.81 -35.53
N LYS A 59 10.21 0.38 -35.58
CA LYS A 59 9.87 -1.02 -35.52
C LYS A 59 9.69 -1.56 -36.93
N THR A 60 10.40 -2.64 -37.25
CA THR A 60 10.25 -3.32 -38.53
C THR A 60 9.09 -4.30 -38.40
N ILE A 61 8.08 -4.17 -39.25
CA ILE A 61 6.81 -4.88 -39.09
C ILE A 61 6.53 -5.97 -40.13
N ASN A 62 7.38 -6.09 -41.14
CA ASN A 62 7.25 -7.16 -42.12
C ASN A 62 8.60 -7.49 -42.77
N ASP A 63 8.61 -8.50 -43.64
CA ASP A 63 9.82 -8.91 -44.35
C ASP A 63 10.29 -7.93 -45.43
N HIS A 64 9.38 -7.08 -45.89
CA HIS A 64 9.76 -6.02 -46.84
C HIS A 64 10.54 -4.89 -46.17
N GLY A 65 10.65 -4.93 -44.84
CA GLY A 65 11.41 -3.92 -44.08
C GLY A 65 10.64 -2.65 -43.85
N GLU A 66 9.31 -2.73 -43.94
CA GLU A 66 8.46 -1.60 -43.61
C GLU A 66 8.54 -1.33 -42.12
N THR A 67 8.57 -0.05 -41.76
CA THR A 67 8.69 0.36 -40.35
C THR A 67 7.50 1.21 -39.92
N VAL A 68 7.29 1.25 -38.59
CA VAL A 68 6.46 2.28 -37.97
C VAL A 68 7.28 3.03 -36.93
N ARG A 69 6.90 4.28 -36.68
CA ARG A 69 7.67 5.21 -35.85
C ARG A 69 7.08 5.23 -34.44
N LEU A 70 7.96 4.98 -33.47
CA LEU A 70 7.60 4.89 -32.04
C LEU A 70 8.46 5.91 -31.28
N PRO A 71 7.92 7.09 -30.97
CA PRO A 71 8.75 8.08 -30.28
C PRO A 71 9.19 7.61 -28.88
N LEU A 72 10.47 7.79 -28.62
CA LEU A 72 11.11 7.43 -27.35
C LEU A 72 11.49 8.69 -26.60
N THR A 73 11.21 8.71 -25.31
CA THR A 73 11.65 9.78 -24.45
C THR A 73 12.31 9.17 -23.23
N VAL A 74 13.56 9.53 -22.98
CA VAL A 74 14.26 9.08 -21.78
C VAL A 74 14.58 10.32 -20.96
N SER A 75 14.03 10.39 -19.74
CA SER A 75 14.21 11.51 -18.85
C SER A 75 15.09 11.14 -17.69
N PHE A 76 15.97 12.05 -17.30
CA PHE A 76 16.85 11.88 -16.18
C PHE A 76 16.47 12.93 -15.15
N LEU A 77 15.86 12.49 -14.05
CA LEU A 77 15.24 13.39 -13.11
C LEU A 77 16.23 13.79 -12.02
N GLU A 78 16.05 14.97 -11.43
CA GLU A 78 16.93 15.45 -10.35
C GLU A 78 17.06 14.48 -9.18
N SER A 79 16.01 13.71 -8.93
CA SER A 79 16.02 12.69 -7.88
C SER A 79 17.03 11.57 -8.10
N GLY A 80 17.46 11.39 -9.36
CA GLY A 80 18.25 10.25 -9.75
C GLY A 80 17.44 9.11 -10.35
N THR A 81 16.13 9.30 -10.35
CA THR A 81 15.25 8.37 -11.06
C THR A 81 15.32 8.66 -12.56
N ALA A 82 15.16 7.62 -13.39
CA ALA A 82 15.04 7.81 -14.83
C ALA A 82 13.65 7.38 -15.27
N ARG A 83 13.19 7.88 -16.41
CA ARG A 83 11.92 7.50 -16.98
C ARG A 83 12.11 7.18 -18.44
N VAL A 84 11.52 6.09 -18.89
CA VAL A 84 11.55 5.66 -20.28
C VAL A 84 10.12 5.55 -20.77
N THR A 85 9.80 6.28 -21.83
CA THR A 85 8.47 6.24 -22.40
C THR A 85 8.53 5.97 -23.89
N ILE A 86 7.71 5.06 -24.36
CA ILE A 86 7.57 4.79 -25.79
C ILE A 86 6.11 4.90 -26.19
N ASP A 87 5.84 5.73 -27.21
CA ASP A 87 4.51 5.96 -27.75
C ASP A 87 4.55 5.55 -29.23
N GLU A 88 3.48 5.85 -29.94
CA GLU A 88 3.29 5.37 -31.29
C GLU A 88 2.82 6.57 -32.14
N GLU A 89 3.65 7.00 -33.08
CA GLU A 89 3.42 8.28 -33.74
C GLU A 89 2.12 8.29 -34.54
N LYS A 90 1.80 7.20 -35.21
CA LYS A 90 0.58 7.18 -36.00
C LYS A 90 -0.66 7.43 -35.16
N ARG A 91 -0.66 6.91 -33.93
CA ARG A 91 -1.75 7.15 -33.00
C ARG A 91 -1.74 8.53 -32.35
N GLN A 92 -0.57 9.08 -32.07
CA GLN A 92 -0.46 10.47 -31.66
C GLN A 92 -1.12 11.41 -32.68
N LYS A 93 -0.92 11.08 -33.95
CA LYS A 93 -1.40 11.89 -35.09
C LYS A 93 -2.88 11.66 -35.37
N GLY A 94 -3.43 10.54 -34.89
CA GLY A 94 -4.83 10.23 -35.12
C GLY A 94 -5.08 9.53 -36.43
N GLU A 95 -4.04 8.94 -37.03
CA GLU A 95 -4.13 8.33 -38.37
C GLU A 95 -4.43 6.85 -38.28
N ILE A 96 -5.49 6.54 -37.54
CA ILE A 96 -6.04 5.20 -37.48
C ILE A 96 -7.54 5.32 -37.57
N GLU A 97 -8.20 4.19 -37.78
CA GLU A 97 -9.66 4.15 -37.78
C GLU A 97 -10.15 3.12 -36.79
N LEU A 98 -10.93 3.59 -35.82
N LEU A 98 -10.92 3.58 -35.82
CA LEU A 98 -11.56 2.68 -34.88
CA LEU A 98 -11.53 2.63 -34.90
C LEU A 98 -12.72 1.95 -35.55
C LEU A 98 -12.68 1.93 -35.59
N ARG A 99 -12.87 0.67 -35.22
CA ARG A 99 -13.98 -0.14 -35.76
C ARG A 99 -15.30 0.26 -35.14
N HIS A 100 -16.38 -0.24 -35.74
CA HIS A 100 -17.74 -0.11 -35.22
C HIS A 100 -18.26 1.33 -35.08
N ASP A 101 -17.71 2.28 -35.81
CA ASP A 101 -18.03 3.70 -35.63
C ASP A 101 -17.76 4.18 -34.21
N SER A 102 -16.82 3.53 -33.53
CA SER A 102 -16.49 3.89 -32.15
C SER A 102 -15.97 5.30 -32.04
N LYS A 103 -16.38 6.01 -30.98
CA LYS A 103 -15.82 7.30 -30.65
C LYS A 103 -14.69 7.23 -29.63
N ALA A 104 -14.22 6.01 -29.32
CA ALA A 104 -13.07 5.90 -28.41
C ALA A 104 -11.85 6.66 -28.91
N ARG A 105 -11.02 7.14 -27.99
CA ARG A 105 -9.82 7.87 -28.33
C ARG A 105 -8.88 7.03 -29.20
N LYS A 106 -8.30 7.69 -30.19
CA LYS A 106 -7.32 7.04 -31.04
C LYS A 106 -5.96 6.97 -30.38
N GLU A 107 -5.60 7.97 -29.59
CA GLU A 107 -4.26 8.00 -29.04
C GLU A 107 -4.12 6.94 -27.92
N ARG A 108 -2.87 6.59 -27.66
CA ARG A 108 -2.56 5.72 -26.52
C ARG A 108 -2.79 6.48 -25.23
N TYR A 109 -3.47 5.80 -24.30
CA TYR A 109 -3.81 6.43 -23.02
C TYR A 109 -2.60 7.02 -22.34
N ASN A 110 -2.67 8.32 -22.05
CA ASN A 110 -1.53 9.08 -21.58
C ASN A 110 -1.89 9.94 -20.36
N GLU A 111 -2.93 9.53 -19.62
CA GLU A 111 -3.33 10.27 -18.41
C GLU A 111 -3.11 9.52 -17.11
N ALA A 112 -2.42 8.39 -17.18
CA ALA A 112 -1.97 7.78 -15.93
C ALA A 112 -1.11 8.71 -15.10
N GLU A 113 -0.23 9.46 -15.74
CA GLU A 113 0.58 10.47 -15.09
C GLU A 113 -0.26 11.52 -14.36
N GLN A 114 -1.31 11.99 -15.03
CA GLN A 114 -2.20 12.98 -14.44
C GLN A 114 -2.82 12.46 -13.14
N TRP A 115 -3.20 11.18 -13.11
CA TRP A 115 -3.84 10.60 -11.94
C TRP A 115 -2.87 10.26 -10.80
N VAL A 116 -1.67 9.83 -11.17
CA VAL A 116 -0.78 9.19 -10.24
C VAL A 116 0.35 10.10 -9.79
N ILE A 117 0.96 10.84 -10.72
CA ILE A 117 2.19 11.58 -10.40
C ILE A 117 1.90 12.94 -9.78
N VAL A 118 2.50 13.22 -8.64
CA VAL A 118 2.29 14.47 -7.90
C VAL A 118 3.57 15.26 -7.67
N GLY A 119 4.73 14.69 -8.01
CA GLY A 119 6.00 15.37 -7.76
C GLY A 119 7.11 14.61 -8.40
N GLY A 120 8.34 15.07 -8.18
CA GLY A 120 9.51 14.32 -8.55
C GLY A 120 9.92 14.44 -10.00
N MET A 121 9.25 15.30 -10.76
CA MET A 121 9.41 15.31 -12.21
C MET A 121 10.41 16.33 -12.77
N THR A 122 11.12 17.03 -11.90
CA THR A 122 12.09 18.04 -12.38
C THR A 122 13.26 17.35 -13.08
N LEU A 123 13.52 17.76 -14.31
CA LEU A 123 14.62 17.21 -15.10
C LEU A 123 15.97 17.67 -14.57
N ASP A 124 16.96 16.81 -14.66
CA ASP A 124 18.30 17.09 -14.16
C ASP A 124 19.14 17.70 -15.28
N LYS A 125 19.36 19.00 -15.21
CA LYS A 125 20.18 19.68 -16.22
C LYS A 125 21.66 19.38 -16.04
N GLY A 126 22.01 18.75 -14.93
CA GLY A 126 23.33 18.18 -14.74
C GLY A 126 23.57 16.84 -15.41
N ALA A 127 22.52 16.18 -15.89
CA ALA A 127 22.73 14.94 -16.61
C ALA A 127 23.47 15.25 -17.92
N LYS A 128 24.32 14.34 -18.34
CA LYS A 128 25.20 14.64 -19.47
C LYS A 128 25.52 13.40 -20.28
N VAL A 129 25.64 13.60 -21.58
CA VAL A 129 26.15 12.55 -22.45
C VAL A 129 27.65 12.39 -22.23
N ASP A 130 28.04 11.26 -21.68
CA ASP A 130 29.44 10.94 -21.47
C ASP A 130 30.10 10.46 -22.77
N TYR A 131 29.35 9.70 -23.56
CA TYR A 131 29.83 9.14 -24.81
C TYR A 131 28.68 8.86 -25.76
N GLU A 132 28.93 9.02 -27.05
N GLU A 132 28.94 9.00 -27.05
CA GLU A 132 27.86 9.01 -28.04
CA GLU A 132 27.88 9.03 -28.05
C GLU A 132 28.48 8.85 -29.43
C GLU A 132 28.52 8.83 -29.42
N ASP A 133 28.20 7.71 -30.06
CA ASP A 133 28.55 7.50 -31.45
C ASP A 133 27.29 7.09 -32.24
N LYS A 134 27.47 6.38 -33.35
CA LYS A 134 26.37 6.06 -34.25
C LYS A 134 25.67 4.76 -33.83
N THR A 135 26.27 4.04 -32.87
CA THR A 135 25.72 2.78 -32.32
C THR A 135 25.16 2.83 -30.88
N GLN A 136 25.60 3.80 -30.08
CA GLN A 136 25.18 3.86 -28.66
C GLN A 136 25.50 5.19 -28.03
N MET A 137 24.90 5.44 -26.89
CA MET A 137 25.24 6.61 -26.08
C MET A 137 25.07 6.29 -24.62
N THR A 138 25.93 6.87 -23.79
CA THR A 138 25.84 6.72 -22.36
C THR A 138 25.61 8.08 -21.74
N VAL A 139 24.59 8.14 -20.88
CA VAL A 139 24.26 9.32 -20.10
C VAL A 139 24.67 9.06 -18.67
N LYS A 140 25.45 9.98 -18.11
CA LYS A 140 25.71 10.00 -16.68
C LYS A 140 24.70 10.90 -16.00
N TYR A 141 24.22 10.47 -14.84
CA TYR A 141 23.20 11.20 -14.13
C TYR A 141 23.18 10.78 -12.66
N GLY A 142 22.20 11.27 -11.93
CA GLY A 142 22.08 10.93 -10.52
C GLY A 142 23.08 11.67 -9.64
N PRO A 143 23.15 11.26 -8.37
CA PRO A 143 24.00 11.96 -7.38
C PRO A 143 25.46 11.90 -7.78
N SER A 144 26.09 13.08 -7.93
CA SER A 144 27.47 13.17 -8.37
C SER A 144 27.75 12.35 -9.65
N SER A 145 26.76 12.28 -10.54
CA SER A 145 26.91 11.59 -11.83
C SER A 145 27.26 10.10 -11.68
N LYS A 146 26.83 9.49 -10.58
CA LYS A 146 27.19 8.10 -10.25
C LYS A 146 26.35 7.04 -11.00
N PHE A 147 25.23 7.46 -11.59
CA PHE A 147 24.37 6.56 -12.34
C PHE A 147 24.62 6.72 -13.84
N GLU A 148 24.48 5.63 -14.59
CA GLU A 148 24.67 5.67 -16.03
C GLU A 148 23.56 4.91 -16.71
N ALA A 149 23.08 5.43 -17.83
CA ALA A 149 22.26 4.65 -18.73
C ALA A 149 22.92 4.56 -20.11
N THR A 150 23.14 3.33 -20.55
CA THR A 150 23.74 3.07 -21.87
C THR A 150 22.60 2.66 -22.78
N ILE A 151 22.31 3.51 -23.77
CA ILE A 151 21.27 3.28 -24.72
C ILE A 151 21.93 2.77 -25.98
N LYS A 152 21.64 1.54 -26.36
CA LYS A 152 22.14 0.97 -27.60
C LYS A 152 21.08 1.10 -28.66
N PHE A 153 21.49 1.44 -29.89
CA PHE A 153 20.53 1.85 -30.90
C PHE A 153 19.98 0.66 -31.69
N ALA A 154 20.80 -0.36 -31.95
CA ALA A 154 20.41 -1.42 -32.88
C ALA A 154 21.00 -2.76 -32.48
N PRO A 155 20.18 -3.71 -32.00
CA PRO A 155 18.78 -3.52 -31.55
C PRO A 155 18.71 -2.61 -30.33
N PHE A 156 17.60 -1.88 -30.19
CA PHE A 156 17.34 -1.07 -29.01
C PHE A 156 17.47 -1.84 -27.69
N SER A 157 18.25 -1.27 -26.78
CA SER A 157 18.29 -1.75 -25.38
C SER A 157 18.78 -0.62 -24.50
N ILE A 158 18.50 -0.73 -23.21
CA ILE A 158 19.04 0.21 -22.24
C ILE A 158 19.57 -0.55 -21.05
N ASP A 159 20.82 -0.28 -20.67
N ASP A 159 20.72 -0.11 -20.54
CA ASP A 159 21.40 -0.80 -19.44
CA ASP A 159 21.44 -0.79 -19.47
C ASP A 159 21.52 0.35 -18.45
C ASP A 159 21.72 0.25 -18.39
N PHE A 160 21.10 0.10 -17.22
CA PHE A 160 21.20 1.06 -16.14
C PHE A 160 22.23 0.55 -15.14
N LYS A 161 23.25 1.38 -14.90
CA LYS A 161 24.47 0.99 -14.20
C LYS A 161 24.76 1.92 -13.02
N ARG A 162 25.38 1.33 -12.00
CA ARG A 162 26.08 2.08 -10.98
C ARG A 162 27.07 1.17 -10.30
N ASP A 163 28.02 1.74 -9.58
CA ASP A 163 29.00 0.98 -8.80
C ASP A 163 29.70 -0.10 -9.61
N GLY A 164 30.06 0.25 -10.85
CA GLY A 164 30.83 -0.66 -11.71
C GLY A 164 30.09 -1.86 -12.29
N ALA A 165 28.74 -1.85 -12.27
CA ALA A 165 27.98 -2.95 -12.84
C ALA A 165 26.63 -2.47 -13.42
N SER A 166 26.14 -3.24 -14.36
CA SER A 166 24.72 -3.21 -14.75
C SER A 166 23.86 -3.76 -13.62
N HIS A 167 22.76 -3.05 -13.36
CA HIS A 167 21.75 -3.53 -12.40
C HIS A 167 20.42 -3.86 -13.03
N ILE A 168 19.99 -3.04 -13.99
CA ILE A 168 18.71 -3.26 -14.65
C ILE A 168 18.96 -3.17 -16.14
N LYS A 169 18.45 -4.13 -16.89
CA LYS A 169 18.52 -4.07 -18.37
C LYS A 169 17.12 -4.12 -18.94
N PHE A 170 16.88 -3.27 -19.94
CA PHE A 170 15.65 -3.27 -20.71
C PHE A 170 15.95 -3.91 -22.07
N ASN A 171 15.15 -4.88 -22.47
CA ASN A 171 15.22 -5.49 -23.80
C ASN A 171 16.46 -6.35 -24.01
N ASP A 172 17.13 -6.77 -22.95
CA ASP A 172 18.24 -7.73 -23.10
C ASP A 172 17.80 -9.03 -23.75
N GLN A 173 16.57 -9.46 -23.48
CA GLN A 173 16.02 -10.70 -24.06
C GLN A 173 15.22 -10.40 -25.33
N GLY A 174 15.10 -9.13 -25.68
CA GLY A 174 14.43 -8.75 -26.91
C GLY A 174 12.92 -8.93 -26.90
N LEU A 175 12.27 -8.75 -25.74
CA LEU A 175 10.82 -8.96 -25.63
C LEU A 175 10.04 -7.67 -25.80
N LEU A 176 10.69 -6.53 -26.06
CA LEU A 176 9.96 -5.29 -26.33
C LEU A 176 8.90 -5.56 -27.37
N ASN A 177 7.67 -5.19 -27.07
CA ASN A 177 6.58 -5.41 -28.00
C ASN A 177 5.60 -4.27 -27.87
N ILE A 178 5.52 -3.44 -28.90
CA ILE A 178 4.50 -2.42 -29.00
C ILE A 178 3.61 -2.84 -30.15
N GLU A 179 2.38 -3.26 -29.87
CA GLU A 179 1.47 -3.69 -30.94
C GLU A 179 0.95 -2.46 -31.66
N HIS A 180 1.53 -2.21 -32.84
CA HIS A 180 1.15 -1.07 -33.66
C HIS A 180 -0.23 -1.30 -34.30
N TRP A 181 -0.90 -0.18 -34.59
CA TRP A 181 -2.26 -0.25 -35.09
C TRP A 181 -2.28 -0.91 -36.46
N ARG A 182 -3.23 -1.79 -36.67
CA ARG A 182 -3.47 -2.35 -38.01
C ARG A 182 -4.95 -2.48 -38.27
N PRO A 183 -5.35 -2.35 -39.55
CA PRO A 183 -6.72 -2.65 -39.88
C PRO A 183 -7.02 -4.13 -39.85
N LYS A 184 -8.30 -4.44 -39.78
CA LYS A 184 -8.75 -5.80 -39.81
C LYS A 184 -8.86 -6.22 -41.28
N ILE A 185 -7.95 -7.10 -41.70
CA ILE A 185 -7.89 -7.56 -43.09
C ILE A 185 -7.72 -9.06 -43.08
N ASP A 186 -8.43 -9.74 -43.98
CA ASP A 186 -8.22 -11.17 -44.19
C ASP A 186 -7.04 -11.35 -45.13
N PRO A 187 -6.26 -12.42 -44.93
CA PRO A 187 -4.99 -12.49 -45.66
C PRO A 187 -5.22 -12.61 -47.16
N PRO A 188 -4.27 -12.11 -47.98
CA PRO A 188 -4.48 -12.16 -49.42
C PRO A 188 -4.11 -13.53 -49.99
N ASP A 210 -1.08 -15.48 -36.50
CA ASP A 210 -2.29 -15.90 -35.79
C ASP A 210 -3.07 -14.68 -35.27
N ASP A 211 -4.19 -14.37 -35.92
CA ASP A 211 -4.99 -13.20 -35.58
C ASP A 211 -6.30 -13.53 -34.86
N SER A 212 -6.43 -14.75 -34.33
CA SER A 212 -7.68 -15.15 -33.68
C SER A 212 -8.04 -14.33 -32.42
N THR A 213 -7.04 -13.73 -31.78
CA THR A 213 -7.28 -12.94 -30.57
C THR A 213 -7.26 -11.43 -30.82
N TRP A 214 -7.06 -11.00 -32.07
CA TRP A 214 -6.85 -9.59 -32.36
C TRP A 214 -8.10 -8.74 -32.22
N TRP A 215 -9.25 -9.33 -32.49
CA TRP A 215 -10.49 -8.56 -32.72
C TRP A 215 -11.46 -8.92 -31.59
N GLU A 216 -12.73 -9.12 -31.86
CA GLU A 216 -13.70 -9.51 -30.84
C GLU A 216 -13.22 -10.70 -30.03
N GLU A 217 -13.36 -10.62 -28.71
CA GLU A 217 -13.10 -11.73 -27.80
C GLU A 217 -14.25 -11.90 -26.84
N SER A 218 -14.65 -13.13 -26.56
CA SER A 218 -15.75 -13.42 -25.67
C SER A 218 -15.25 -14.10 -24.42
N PHE A 219 -15.78 -13.68 -23.28
CA PHE A 219 -15.50 -14.34 -22.01
C PHE A 219 -16.58 -13.94 -21.05
N GLY A 220 -17.04 -14.88 -20.24
CA GLY A 220 -17.81 -14.56 -19.07
C GLY A 220 -19.16 -13.97 -19.42
N GLY A 221 -19.68 -14.33 -20.60
CA GLY A 221 -21.01 -13.91 -21.03
C GLY A 221 -21.01 -12.56 -21.74
N ASN A 222 -19.84 -12.11 -22.14
CA ASN A 222 -19.67 -10.78 -22.76
C ASN A 222 -18.72 -10.92 -23.96
N THR A 223 -19.00 -10.16 -25.00
CA THR A 223 -18.11 -10.00 -26.13
C THR A 223 -17.54 -8.60 -26.16
N ASP A 224 -16.21 -8.49 -26.08
CA ASP A 224 -15.49 -7.25 -26.21
C ASP A 224 -15.41 -6.93 -27.69
N SER A 225 -15.98 -5.79 -28.07
CA SER A 225 -15.99 -5.34 -29.46
C SER A 225 -14.63 -4.93 -29.97
N LYS A 226 -13.71 -4.62 -29.04
CA LYS A 226 -12.30 -4.39 -29.40
C LYS A 226 -12.13 -3.44 -30.58
N PRO A 227 -12.65 -2.22 -30.49
CA PRO A 227 -12.61 -1.31 -31.65
C PRO A 227 -11.24 -0.90 -32.12
N ARG A 228 -10.19 -1.00 -31.31
CA ARG A 228 -8.85 -0.64 -31.72
C ARG A 228 -8.03 -1.79 -32.28
N GLY A 229 -8.48 -3.01 -32.05
CA GLY A 229 -7.63 -4.17 -32.26
C GLY A 229 -6.46 -4.27 -31.28
N PRO A 230 -5.43 -5.02 -31.67
CA PRO A 230 -4.24 -5.16 -30.81
C PRO A 230 -3.52 -3.87 -30.52
N GLU A 231 -3.13 -3.68 -29.25
CA GLU A 231 -2.41 -2.47 -28.84
C GLU A 231 -1.59 -2.66 -27.56
N SER A 232 -1.23 -3.90 -27.24
CA SER A 232 -0.49 -4.10 -25.98
C SER A 232 0.95 -3.59 -26.05
N VAL A 233 1.50 -3.33 -24.88
CA VAL A 233 2.86 -2.85 -24.71
C VAL A 233 3.53 -3.77 -23.70
N GLY A 234 4.71 -4.26 -24.04
CA GLY A 234 5.44 -5.19 -23.19
C GLY A 234 6.93 -5.01 -23.29
N LEU A 235 7.63 -5.49 -22.27
CA LEU A 235 9.07 -5.34 -22.20
C LEU A 235 9.64 -6.33 -21.18
N ASP A 236 10.82 -6.83 -21.47
CA ASP A 236 11.61 -7.58 -20.47
C ASP A 236 12.51 -6.65 -19.69
N ILE A 237 12.45 -6.78 -18.38
CA ILE A 237 13.24 -5.99 -17.46
C ILE A 237 14.03 -6.97 -16.60
N SER A 238 15.36 -6.97 -16.74
CA SER A 238 16.21 -7.94 -16.06
C SER A 238 16.86 -7.26 -14.89
N PHE A 239 16.85 -7.95 -13.76
CA PHE A 239 17.50 -7.49 -12.54
C PHE A 239 18.76 -8.32 -12.36
N VAL A 240 19.89 -7.68 -12.71
CA VAL A 240 21.14 -8.39 -12.91
C VAL A 240 21.79 -8.67 -11.58
N GLY A 241 22.03 -9.95 -11.29
CA GLY A 241 22.60 -10.34 -10.02
C GLY A 241 21.67 -10.31 -8.82
N TYR A 242 20.36 -10.22 -9.05
CA TYR A 242 19.36 -10.21 -7.98
C TYR A 242 18.59 -11.50 -8.04
N GLU A 243 18.35 -12.11 -6.88
N GLU A 243 18.35 -12.10 -6.89
CA GLU A 243 17.63 -13.37 -6.74
CA GLU A 243 17.63 -13.36 -6.76
C GLU A 243 16.27 -13.22 -6.05
C GLU A 243 16.21 -13.16 -6.23
N HIS A 244 15.93 -12.00 -5.65
CA HIS A 244 14.66 -11.72 -4.99
C HIS A 244 14.06 -10.45 -5.51
N VAL A 245 12.78 -10.54 -5.87
CA VAL A 245 12.01 -9.38 -6.28
C VAL A 245 10.73 -9.32 -5.46
N PHE A 246 10.20 -8.11 -5.33
CA PHE A 246 9.16 -7.79 -4.35
C PHE A 246 8.22 -6.75 -4.91
N GLY A 247 6.97 -6.76 -4.46
CA GLY A 247 6.01 -5.72 -4.85
C GLY A 247 4.85 -6.27 -5.63
N ILE A 248 4.42 -5.49 -6.60
CA ILE A 248 3.19 -5.71 -7.39
C ILE A 248 2.03 -6.27 -6.59
N PRO A 249 1.72 -5.67 -5.43
CA PRO A 249 0.49 -6.11 -4.78
C PRO A 249 -0.73 -5.72 -5.58
N SER A 250 -1.90 -6.30 -5.32
CA SER A 250 -2.20 -7.21 -4.23
C SER A 250 -2.34 -8.64 -4.73
N HIS A 251 -1.61 -9.58 -4.08
CA HIS A 251 -1.74 -11.01 -4.32
C HIS A 251 -1.62 -11.77 -3.02
N ALA A 252 -2.31 -12.91 -2.97
CA ALA A 252 -2.11 -13.88 -1.89
C ALA A 252 -0.86 -14.68 -2.25
N SER A 253 0.29 -14.18 -1.85
N SER A 253 0.29 -14.10 -1.90
CA SER A 253 1.54 -14.71 -2.33
CA SER A 253 1.62 -14.49 -2.39
C SER A 253 2.63 -14.21 -1.39
C SER A 253 2.62 -14.19 -1.30
N PRO A 254 3.78 -14.88 -1.33
CA PRO A 254 4.86 -14.40 -0.49
C PRO A 254 5.32 -13.01 -0.84
N LEU A 255 5.97 -12.37 0.11
CA LEU A 255 6.57 -11.06 -0.11
C LEU A 255 7.64 -11.12 -1.18
N SER A 256 8.52 -12.11 -1.10
CA SER A 256 9.46 -12.42 -2.18
C SER A 256 8.69 -13.17 -3.25
N LEU A 257 8.50 -12.54 -4.40
CA LEU A 257 7.61 -13.03 -5.42
C LEU A 257 8.13 -14.31 -6.04
N LYS A 258 7.21 -15.17 -6.44
CA LYS A 258 7.54 -16.45 -7.04
C LYS A 258 7.78 -16.32 -8.54
N GLN A 259 8.55 -17.25 -9.06
CA GLN A 259 8.59 -17.49 -10.50
C GLN A 259 7.24 -17.95 -11.04
N THR A 260 7.03 -17.72 -12.33
CA THR A 260 5.71 -17.87 -12.94
C THR A 260 5.68 -18.74 -14.17
N ARG A 261 6.82 -19.35 -14.52
CA ARG A 261 6.92 -20.19 -15.70
C ARG A 261 7.23 -21.63 -15.30
N GLY A 262 6.75 -22.04 -14.14
CA GLY A 262 6.81 -23.41 -13.71
C GLY A 262 8.00 -23.75 -12.85
N GLY A 263 7.97 -24.97 -12.32
CA GLY A 263 8.97 -25.49 -11.41
C GLY A 263 8.36 -25.73 -10.05
N GLU A 264 9.03 -26.56 -9.26
CA GLU A 264 8.56 -26.90 -7.92
C GLU A 264 8.40 -25.66 -7.08
N GLY A 265 7.20 -25.51 -6.52
CA GLY A 265 6.86 -24.38 -5.65
C GLY A 265 6.69 -23.06 -6.37
N ASN A 266 6.70 -23.07 -7.71
CA ASN A 266 6.55 -21.85 -8.49
C ASN A 266 5.14 -21.83 -9.05
N TYR A 267 4.77 -20.70 -9.62
CA TYR A 267 3.49 -20.60 -10.36
C TYR A 267 3.70 -20.95 -11.83
N ASN A 268 2.59 -21.16 -12.55
CA ASN A 268 2.62 -21.43 -13.99
C ASN A 268 1.99 -20.32 -14.84
N GLU A 269 1.36 -19.35 -14.19
N GLU A 269 1.41 -19.34 -14.14
CA GLU A 269 0.82 -18.20 -14.90
CA GLU A 269 0.76 -18.17 -14.73
C GLU A 269 1.42 -16.94 -14.32
C GLU A 269 1.49 -16.92 -14.28
N PRO A 270 1.50 -15.86 -15.12
CA PRO A 270 2.08 -14.61 -14.63
C PRO A 270 1.27 -14.03 -13.49
N TYR A 271 1.92 -13.22 -12.67
CA TYR A 271 1.16 -12.37 -11.74
C TYR A 271 0.24 -11.47 -12.56
N ARG A 272 -0.99 -11.32 -12.10
CA ARG A 272 -1.99 -10.53 -12.84
C ARG A 272 -2.44 -9.37 -11.99
N MET A 273 -2.56 -8.20 -12.62
CA MET A 273 -3.12 -6.99 -12.02
C MET A 273 -4.29 -6.54 -12.87
N TYR A 274 -5.49 -6.90 -12.42
CA TYR A 274 -6.74 -6.47 -13.07
C TYR A 274 -7.84 -6.42 -12.03
N ASN A 275 -7.93 -5.29 -11.34
CA ASN A 275 -8.70 -5.21 -10.11
C ASN A 275 -10.04 -5.90 -10.25
N ALA A 276 -10.33 -6.85 -9.38
CA ALA A 276 -11.52 -7.68 -9.54
C ALA A 276 -12.07 -8.11 -8.20
N ASP A 277 -13.39 -8.36 -8.22
CA ASP A 277 -14.12 -8.86 -7.07
C ASP A 277 -14.08 -10.37 -7.09
N VAL A 278 -13.12 -10.91 -6.35
CA VAL A 278 -12.83 -12.34 -6.42
C VAL A 278 -13.45 -13.07 -5.22
N PHE A 279 -14.57 -13.74 -5.45
CA PHE A 279 -15.27 -14.53 -4.42
C PHE A 279 -14.40 -15.68 -3.92
N GLU A 280 -14.28 -15.78 -2.61
CA GLU A 280 -13.52 -16.82 -1.94
C GLU A 280 -12.11 -16.96 -2.52
N TYR A 281 -11.39 -15.84 -2.58
CA TYR A 281 -10.07 -15.91 -3.21
C TYR A 281 -9.18 -16.88 -2.44
N ILE A 282 -8.34 -17.56 -3.19
CA ILE A 282 -7.49 -18.64 -2.68
C ILE A 282 -6.13 -18.11 -2.23
N LEU A 283 -5.45 -18.90 -1.42
CA LEU A 283 -4.10 -18.64 -1.01
C LEU A 283 -3.07 -19.04 -2.08
N ASP A 284 -1.92 -18.41 -2.04
CA ASP A 284 -0.75 -18.81 -2.81
C ASP A 284 -1.06 -18.91 -4.31
N SER A 285 -1.40 -17.75 -4.87
CA SER A 285 -1.81 -17.67 -6.26
C SER A 285 -1.38 -16.35 -6.88
N PRO A 286 -1.06 -16.37 -8.19
CA PRO A 286 -0.81 -15.16 -8.95
C PRO A 286 -2.07 -14.50 -9.45
N MET A 287 -3.25 -15.05 -9.16
CA MET A 287 -4.51 -14.46 -9.62
C MET A 287 -4.64 -13.05 -9.09
N THR A 288 -5.24 -12.17 -9.89
CA THR A 288 -5.52 -10.83 -9.43
C THR A 288 -6.44 -10.80 -8.22
N LEU A 289 -6.25 -9.78 -7.38
CA LEU A 289 -7.23 -9.44 -6.35
C LEU A 289 -7.82 -8.06 -6.67
N TYR A 290 -8.09 -7.24 -5.65
CA TYR A 290 -8.98 -6.09 -5.81
C TYR A 290 -8.23 -4.80 -6.18
N GLY A 291 -6.92 -4.74 -5.93
CA GLY A 291 -6.12 -3.56 -6.22
C GLY A 291 -4.77 -3.93 -6.78
N SER A 292 -4.09 -2.97 -7.41
CA SER A 292 -2.87 -3.22 -8.18
C SER A 292 -1.95 -2.03 -8.06
N ILE A 293 -0.68 -2.28 -7.71
CA ILE A 293 0.34 -1.25 -7.72
C ILE A 293 1.53 -1.79 -8.49
N PRO A 294 1.72 -1.37 -9.75
CA PRO A 294 2.73 -2.01 -10.62
C PRO A 294 4.15 -1.50 -10.37
N PHE A 295 4.62 -1.75 -9.16
CA PHE A 295 5.91 -1.27 -8.64
C PHE A 295 6.64 -2.50 -8.10
N MET A 296 7.84 -2.74 -8.62
CA MET A 296 8.66 -3.90 -8.24
C MET A 296 10.02 -3.43 -7.81
N GLN A 297 10.55 -4.06 -6.78
CA GLN A 297 11.92 -3.85 -6.30
C GLN A 297 12.68 -5.16 -6.37
N ALA A 298 14.00 -5.03 -6.52
CA ALA A 298 14.93 -6.15 -6.43
C ALA A 298 15.93 -5.80 -5.34
N HIS A 299 16.14 -6.74 -4.43
CA HIS A 299 17.03 -6.52 -3.26
C HIS A 299 18.02 -7.66 -3.16
N ARG A 300 19.29 -7.31 -2.92
CA ARG A 300 20.30 -8.26 -2.45
C ARG A 300 21.10 -7.58 -1.35
N LYS A 301 22.05 -8.29 -0.78
CA LYS A 301 22.89 -7.70 0.24
C LYS A 301 23.50 -6.40 -0.25
N ASP A 302 23.21 -5.31 0.44
CA ASP A 302 23.74 -4.00 0.18
C ASP A 302 23.56 -3.44 -1.21
N SER A 303 22.51 -3.89 -1.91
CA SER A 303 22.14 -3.28 -3.19
C SER A 303 20.67 -3.47 -3.49
N SER A 304 20.02 -2.37 -3.87
CA SER A 304 18.59 -2.39 -4.22
C SER A 304 18.33 -1.52 -5.44
N VAL A 305 17.40 -1.97 -6.27
CA VAL A 305 16.92 -1.20 -7.41
C VAL A 305 15.44 -1.48 -7.59
N GLY A 306 14.78 -0.78 -8.50
CA GLY A 306 13.37 -1.03 -8.72
C GLY A 306 12.87 -0.37 -9.98
N ILE A 307 11.63 -0.73 -10.38
CA ILE A 307 10.96 -0.07 -11.47
C ILE A 307 9.52 0.16 -11.10
N PHE A 308 8.94 1.21 -11.68
CA PHE A 308 7.51 1.48 -11.58
C PHE A 308 6.94 1.60 -12.98
N TRP A 309 6.03 0.69 -13.30
CA TRP A 309 5.43 0.53 -14.63
C TRP A 309 4.11 1.30 -14.63
N LEU A 310 4.14 2.53 -15.12
CA LEU A 310 3.02 3.44 -15.01
C LEU A 310 2.02 3.18 -16.13
N ASN A 311 1.15 2.21 -15.90
CA ASN A 311 0.16 1.80 -16.86
C ASN A 311 -1.05 1.37 -16.10
N ALA A 312 -2.25 1.80 -16.51
CA ALA A 312 -3.51 1.54 -15.82
C ALA A 312 -4.37 0.43 -16.41
N ALA A 313 -3.87 -0.20 -17.47
CA ALA A 313 -4.59 -1.26 -18.12
C ALA A 313 -4.30 -2.63 -17.48
N GLU A 314 -5.04 -3.67 -17.81
CA GLU A 314 -4.70 -5.02 -17.40
C GLU A 314 -3.24 -5.28 -17.64
N THR A 315 -2.54 -5.77 -16.61
CA THR A 315 -1.08 -5.95 -16.68
C THR A 315 -0.76 -7.32 -16.09
N TRP A 316 0.15 -8.03 -16.77
CA TRP A 316 0.69 -9.31 -16.34
C TRP A 316 2.19 -9.18 -16.20
N VAL A 317 2.75 -9.93 -15.24
CA VAL A 317 4.21 -9.94 -15.02
C VAL A 317 4.67 -11.37 -14.86
N ASP A 318 5.45 -11.85 -15.81
CA ASP A 318 6.16 -13.13 -15.68
C ASP A 318 7.52 -12.91 -15.01
N ILE A 319 7.95 -13.91 -14.25
CA ILE A 319 9.19 -13.85 -13.49
C ILE A 319 9.88 -15.21 -13.64
N THR A 320 11.16 -15.18 -14.04
CA THR A 320 12.01 -16.38 -14.01
C THR A 320 13.34 -16.01 -13.38
N LYS A 321 14.05 -17.03 -12.88
CA LYS A 321 15.34 -16.82 -12.25
C LYS A 321 16.30 -17.91 -12.70
N GLY A 322 17.55 -17.51 -12.94
CA GLY A 322 18.59 -18.49 -13.24
C GLY A 322 19.83 -17.76 -13.67
N LYS A 323 20.73 -18.51 -14.28
CA LYS A 323 21.97 -17.93 -14.77
C LYS A 323 21.68 -16.99 -15.94
N ASP A 324 22.64 -16.17 -16.31
CA ASP A 324 22.42 -15.14 -17.31
C ASP A 324 22.46 -15.68 -18.75
N SER A 325 22.89 -16.92 -18.93
CA SER A 325 22.94 -17.60 -20.22
C SER A 325 21.56 -17.87 -20.77
N LYS A 326 21.47 -17.97 -22.09
CA LYS A 326 20.17 -18.14 -22.71
C LYS A 326 19.45 -19.38 -22.22
N ASN A 327 20.18 -20.48 -22.04
CA ASN A 327 19.71 -21.59 -21.23
C ASN A 327 20.13 -21.30 -19.79
N PRO A 328 19.18 -20.95 -18.91
CA PRO A 328 19.58 -20.47 -17.59
C PRO A 328 20.04 -21.58 -16.64
N LEU A 329 19.98 -22.83 -17.11
CA LEU A 329 20.50 -24.01 -16.42
C LEU A 329 21.79 -24.55 -17.05
N ALA A 330 22.40 -23.79 -17.95
CA ALA A 330 23.63 -24.23 -18.63
C ALA A 330 24.79 -24.44 -17.67
N LEU A 331 25.67 -25.36 -18.04
CA LEU A 331 27.04 -25.41 -17.51
C LEU A 331 27.96 -24.50 -18.28
N GLY A 332 29.16 -24.32 -17.75
CA GLY A 332 30.20 -23.56 -18.44
C GLY A 332 30.12 -22.06 -18.26
N VAL A 333 29.21 -21.63 -17.40
CA VAL A 333 28.97 -20.18 -17.21
C VAL A 333 29.02 -19.84 -15.73
N LYS A 334 29.15 -18.55 -15.45
CA LYS A 334 29.12 -18.11 -14.05
C LYS A 334 27.76 -18.38 -13.40
N SER A 335 27.76 -18.67 -12.11
CA SER A 335 26.54 -19.03 -11.41
C SER A 335 25.60 -17.86 -11.07
N LYS A 336 26.07 -16.62 -11.18
CA LYS A 336 25.33 -15.48 -10.64
C LYS A 336 23.93 -15.42 -11.25
N ILE A 337 22.95 -15.29 -10.38
CA ILE A 337 21.54 -15.28 -10.81
C ILE A 337 21.08 -13.91 -11.29
N THR A 338 20.38 -13.91 -12.40
CA THR A 338 19.59 -12.80 -12.87
C THR A 338 18.10 -13.16 -12.81
N THR A 339 17.30 -12.22 -12.28
CA THR A 339 15.86 -12.35 -12.33
C THR A 339 15.34 -11.64 -13.58
N ARG A 340 14.67 -12.43 -14.41
CA ARG A 340 14.07 -11.95 -15.67
C ARG A 340 12.60 -11.68 -15.43
N THR A 341 12.16 -10.47 -15.75
CA THR A 341 10.73 -10.16 -15.60
C THR A 341 10.20 -9.68 -16.93
N HIS A 342 8.96 -10.06 -17.23
CA HIS A 342 8.35 -9.73 -18.52
C HIS A 342 6.99 -9.09 -18.21
N TRP A 343 6.93 -7.80 -18.45
CA TRP A 343 5.76 -6.98 -18.14
C TRP A 343 4.96 -6.74 -19.40
N PHE A 344 3.65 -6.81 -19.36
CA PHE A 344 2.84 -6.46 -20.54
C PHE A 344 1.46 -5.99 -20.12
N SER A 345 1.03 -4.92 -20.77
CA SER A 345 -0.23 -4.23 -20.47
C SER A 345 -1.08 -4.17 -21.72
N GLU A 346 -2.39 -4.16 -21.54
CA GLU A 346 -3.27 -4.26 -22.69
C GLU A 346 -3.22 -3.07 -23.62
N SER A 347 -3.03 -1.87 -23.12
CA SER A 347 -3.06 -0.66 -23.94
C SER A 347 -2.26 0.43 -23.25
N GLY A 348 -2.23 1.64 -23.77
CA GLY A 348 -1.56 2.75 -23.16
C GLY A 348 -0.13 2.88 -23.61
N LEU A 349 0.62 3.69 -22.86
CA LEU A 349 2.03 3.92 -23.13
C LEU A 349 2.86 2.84 -22.48
N LEU A 350 4.00 2.54 -23.08
CA LEU A 350 5.08 1.95 -22.33
C LEU A 350 5.75 3.06 -21.58
N ASP A 351 5.69 3.02 -20.25
CA ASP A 351 6.08 4.17 -19.44
C ASP A 351 6.62 3.63 -18.13
N VAL A 352 7.91 3.77 -17.91
CA VAL A 352 8.58 3.04 -16.82
C VAL A 352 9.56 3.96 -16.13
N PHE A 353 9.48 4.00 -14.80
CA PHE A 353 10.44 4.69 -13.98
C PHE A 353 11.45 3.71 -13.41
N VAL A 354 12.71 4.13 -13.34
CA VAL A 354 13.81 3.25 -12.94
C VAL A 354 14.51 3.87 -11.74
N PHE A 355 14.56 3.11 -10.64
CA PHE A 355 15.12 3.56 -9.36
C PHE A 355 16.41 2.81 -9.09
N LEU A 356 17.49 3.51 -8.78
CA LEU A 356 18.74 2.82 -8.53
C LEU A 356 19.18 2.83 -7.05
N GLY A 357 18.33 3.31 -6.14
CA GLY A 357 18.60 3.07 -4.71
C GLY A 357 19.78 3.88 -4.22
N PRO A 358 20.73 3.26 -3.49
CA PRO A 358 21.02 1.83 -3.43
C PRO A 358 20.36 1.05 -2.29
N THR A 359 19.59 1.71 -1.42
CA THR A 359 18.89 1.00 -0.33
C THR A 359 17.38 0.93 -0.58
N PRO A 360 16.69 -0.04 0.09
CA PRO A 360 15.25 -0.07 0.01
C PRO A 360 14.58 1.24 0.42
N LYS A 361 15.07 1.84 1.50
CA LYS A 361 14.54 3.11 1.96
C LYS A 361 14.62 4.18 0.86
N ASP A 362 15.75 4.24 0.16
CA ASP A 362 15.92 5.19 -0.95
C ASP A 362 14.87 5.01 -2.02
N ILE A 363 14.69 3.78 -2.45
CA ILE A 363 13.77 3.50 -3.56
C ILE A 363 12.34 3.87 -3.19
N ILE A 364 11.90 3.46 -2.00
CA ILE A 364 10.53 3.71 -1.61
C ILE A 364 10.30 5.22 -1.41
N SER A 365 11.31 5.92 -0.87
N SER A 365 11.30 5.92 -0.86
N SER A 365 11.29 5.94 -0.88
CA SER A 365 11.24 7.40 -0.73
CA SER A 365 11.18 7.37 -0.71
CA SER A 365 11.11 7.38 -0.73
C SER A 365 11.06 8.07 -2.10
C SER A 365 11.12 8.11 -2.06
C SER A 365 11.11 8.12 -2.07
N LYS A 366 11.85 7.64 -3.06
CA LYS A 366 11.80 8.24 -4.41
C LYS A 366 10.46 7.92 -5.06
N TYR A 367 9.96 6.70 -4.88
CA TYR A 367 8.65 6.32 -5.39
C TYR A 367 7.54 7.18 -4.77
N ALA A 368 7.62 7.44 -3.47
CA ALA A 368 6.63 8.28 -2.79
C ALA A 368 6.73 9.75 -3.19
N GLU A 369 7.92 10.22 -3.55
CA GLU A 369 8.03 11.57 -4.10
C GLU A 369 7.26 11.67 -5.42
N LEU A 370 7.31 10.63 -6.24
CA LEU A 370 6.56 10.59 -7.50
C LEU A 370 5.06 10.45 -7.32
N THR A 371 4.62 9.48 -6.52
CA THR A 371 3.22 9.04 -6.49
C THR A 371 2.47 9.47 -5.24
N GLY A 372 3.18 10.10 -4.31
CA GLY A 372 2.58 10.59 -3.10
C GLY A 372 3.00 9.80 -1.87
N THR A 373 3.04 10.50 -0.75
CA THR A 373 3.21 9.89 0.55
C THR A 373 1.84 9.55 1.13
N THR A 374 1.85 8.83 2.24
CA THR A 374 0.62 8.53 2.99
C THR A 374 0.01 9.81 3.52
N ALA A 375 -1.29 9.99 3.31
CA ALA A 375 -1.97 11.15 3.84
C ALA A 375 -1.89 11.13 5.36
N MET A 376 -1.84 12.29 6.00
CA MET A 376 -2.02 12.33 7.45
C MET A 376 -3.39 11.75 7.79
N PRO A 377 -3.43 10.71 8.61
CA PRO A 377 -4.71 10.05 8.92
C PRO A 377 -5.47 10.80 9.99
N GLN A 378 -6.77 10.63 10.01
CA GLN A 378 -7.49 10.87 11.24
C GLN A 378 -6.90 10.03 12.35
N GLU A 379 -6.57 10.63 13.51
CA GLU A 379 -5.99 9.84 14.59
C GLU A 379 -6.85 8.64 14.98
N PHE A 380 -8.17 8.82 15.04
CA PHE A 380 -9.05 7.77 15.48
C PHE A 380 -8.93 6.52 14.61
N SER A 381 -8.52 6.71 13.36
CA SER A 381 -8.54 5.59 12.41
C SER A 381 -7.46 4.54 12.68
N LEU A 382 -6.53 4.88 13.57
CA LEU A 382 -5.54 3.93 14.05
C LEU A 382 -6.08 3.10 15.20
N GLY A 383 -7.25 3.40 15.72
CA GLY A 383 -7.81 2.56 16.75
C GLY A 383 -8.46 1.33 16.20
N TYR A 384 -9.15 0.57 17.05
CA TYR A 384 -9.86 -0.64 16.65
C TYR A 384 -11.21 -0.32 16.08
N HIS A 385 -11.47 -0.91 14.91
CA HIS A 385 -12.72 -0.78 14.14
C HIS A 385 -13.53 -2.06 14.28
N GLN A 386 -14.82 -1.88 14.63
CA GLN A 386 -15.73 -2.98 14.79
C GLN A 386 -16.77 -2.99 13.69
N CYS A 387 -16.81 -4.05 12.91
CA CYS A 387 -17.67 -4.15 11.77
C CYS A 387 -18.23 -5.58 11.65
N ARG A 388 -19.38 -5.70 10.97
CA ARG A 388 -19.84 -6.95 10.38
C ARG A 388 -20.87 -6.64 9.32
N TRP A 389 -21.23 -7.64 8.54
CA TRP A 389 -22.37 -7.55 7.62
C TRP A 389 -23.52 -8.28 8.30
N ASN A 390 -24.48 -7.61 8.94
CA ASN A 390 -24.61 -6.18 9.22
C ASN A 390 -24.91 -6.01 10.69
N TYR A 391 -24.62 -4.85 11.26
CA TYR A 391 -25.45 -4.35 12.39
C TYR A 391 -26.78 -3.91 11.82
N VAL A 392 -27.85 -4.40 12.44
CA VAL A 392 -29.13 -4.49 11.73
C VAL A 392 -30.05 -3.31 12.03
N SER A 393 -29.71 -2.51 13.02
CA SER A 393 -30.54 -1.40 13.42
C SER A 393 -29.70 -0.41 14.18
N ASP A 394 -30.21 0.80 14.34
CA ASP A 394 -29.55 1.77 15.19
C ASP A 394 -29.47 1.27 16.63
N GLU A 395 -30.44 0.49 17.08
CA GLU A 395 -30.40 -0.10 18.41
C GLU A 395 -29.35 -1.21 18.57
N ASP A 396 -29.16 -2.03 17.52
CA ASP A 396 -28.05 -2.99 17.51
C ASP A 396 -26.68 -2.28 17.71
N VAL A 397 -26.46 -1.24 16.93
CA VAL A 397 -25.26 -0.44 17.06
C VAL A 397 -25.05 0.09 18.48
N LYS A 398 -26.09 0.70 19.05
CA LYS A 398 -25.98 1.28 20.38
C LYS A 398 -25.75 0.19 21.44
N ASP A 399 -26.31 -0.98 21.22
CA ASP A 399 -26.08 -2.10 22.12
C ASP A 399 -24.63 -2.65 22.07
N VAL A 400 -24.08 -2.81 20.87
CA VAL A 400 -22.69 -3.24 20.74
C VAL A 400 -21.77 -2.22 21.42
N ASP A 401 -22.04 -0.93 21.19
CA ASP A 401 -21.25 0.12 21.82
C ASP A 401 -21.21 -0.04 23.36
N ARG A 402 -22.39 -0.22 23.95
CA ARG A 402 -22.49 -0.43 25.39
C ARG A 402 -21.80 -1.70 25.86
N LYS A 403 -21.92 -2.78 25.11
CA LYS A 403 -21.29 -4.03 25.51
C LYS A 403 -19.76 -3.99 25.45
N MET A 404 -19.21 -3.27 24.47
CA MET A 404 -17.75 -3.11 24.44
C MET A 404 -17.29 -2.48 25.74
N ASP A 405 -18.01 -1.44 26.18
CA ASP A 405 -17.65 -0.77 27.45
C ASP A 405 -17.88 -1.67 28.67
N LYS A 406 -18.99 -2.41 28.69
CA LYS A 406 -19.23 -3.37 29.78
C LYS A 406 -18.04 -4.32 29.94
N PHE A 407 -17.48 -4.77 28.82
CA PHE A 407 -16.37 -5.71 28.81
C PHE A 407 -14.96 -5.13 28.76
N ASN A 408 -14.86 -3.82 28.90
CA ASN A 408 -13.59 -3.14 28.93
C ASN A 408 -12.74 -3.54 27.72
N MET A 409 -13.39 -3.49 26.57
CA MET A 409 -12.71 -3.64 25.29
C MET A 409 -12.77 -2.31 24.54
N PRO A 410 -11.64 -1.60 24.44
CA PRO A 410 -11.61 -0.29 23.84
C PRO A 410 -11.84 -0.40 22.32
N TYR A 411 -12.51 0.58 21.76
CA TYR A 411 -12.64 0.67 20.30
C TYR A 411 -12.98 2.08 19.91
N ASP A 412 -12.73 2.39 18.65
CA ASP A 412 -12.94 3.75 18.17
C ASP A 412 -14.13 3.95 17.23
N VAL A 413 -14.43 2.95 16.42
CA VAL A 413 -15.37 3.12 15.30
C VAL A 413 -16.25 1.90 15.17
N ILE A 414 -17.55 2.13 14.99
CA ILE A 414 -18.47 1.07 14.57
C ILE A 414 -18.91 1.34 13.12
N TRP A 415 -19.06 0.26 12.37
CA TRP A 415 -19.20 0.31 10.92
C TRP A 415 -20.56 -0.25 10.48
N LEU A 416 -21.14 0.39 9.46
CA LEU A 416 -22.39 -0.05 8.87
C LEU A 416 -22.16 -0.49 7.42
N ASP A 417 -22.35 -1.78 7.21
CA ASP A 417 -22.39 -2.37 5.89
C ASP A 417 -23.75 -2.11 5.21
N ILE A 418 -23.93 -2.65 4.02
CA ILE A 418 -24.94 -2.19 3.05
C ILE A 418 -26.39 -2.25 3.52
N GLU A 419 -26.71 -3.06 4.52
CA GLU A 419 -28.11 -3.17 4.96
C GLU A 419 -28.61 -1.93 5.70
N TYR A 420 -27.76 -0.94 6.01
CA TYR A 420 -28.24 0.28 6.65
C TYR A 420 -29.02 1.19 5.70
N THR A 421 -28.85 1.00 4.39
CA THR A 421 -29.46 1.85 3.37
C THR A 421 -30.94 1.50 3.19
N ASP A 422 -31.68 2.39 2.56
CA ASP A 422 -33.03 2.05 2.07
C ASP A 422 -32.95 1.32 0.73
N GLU A 423 -33.14 0.02 0.79
CA GLU A 423 -33.16 -0.82 -0.42
C GLU A 423 -31.95 -0.60 -1.32
N LYS A 424 -30.78 -0.45 -0.69
CA LYS A 424 -29.50 -0.38 -1.39
C LYS A 424 -29.35 0.89 -2.21
N LYS A 425 -30.13 1.92 -1.85
CA LYS A 425 -29.92 3.26 -2.38
C LYS A 425 -28.92 4.01 -1.50
N TYR A 426 -27.75 4.32 -2.04
CA TYR A 426 -26.81 5.13 -1.26
C TYR A 426 -27.36 6.53 -1.04
N PHE A 427 -26.97 7.11 0.09
CA PHE A 427 -27.43 8.43 0.57
C PHE A 427 -28.83 8.33 1.14
N THR A 428 -29.25 7.14 1.57
CA THR A 428 -30.47 6.94 2.31
C THR A 428 -30.21 6.04 3.50
N TRP A 429 -31.17 6.03 4.42
CA TRP A 429 -31.22 5.11 5.55
C TRP A 429 -32.47 4.26 5.50
N ASP A 430 -32.37 3.01 5.90
CA ASP A 430 -33.53 2.11 6.08
C ASP A 430 -34.42 2.70 7.15
N LYS A 431 -35.62 3.14 6.78
CA LYS A 431 -36.43 3.85 7.77
C LYS A 431 -36.95 2.92 8.86
N HIS A 432 -37.25 1.66 8.54
CA HIS A 432 -37.71 0.68 9.56
C HIS A 432 -36.65 0.50 10.64
N SER A 433 -35.40 0.31 10.21
CA SER A 433 -34.35 -0.21 11.08
C SER A 433 -33.41 0.86 11.61
N PHE A 434 -33.25 1.96 10.88
CA PHE A 434 -32.37 3.06 11.31
C PHE A 434 -33.18 4.34 11.35
N LYS A 435 -34.03 4.45 12.34
CA LYS A 435 -34.94 5.59 12.45
C LYS A 435 -34.31 6.81 13.07
N ASP A 436 -33.28 6.63 13.91
CA ASP A 436 -32.62 7.77 14.54
C ASP A 436 -31.09 7.68 14.38
N PRO A 437 -30.61 7.89 13.14
CA PRO A 437 -29.15 7.85 12.94
C PRO A 437 -28.39 8.95 13.66
N ILE A 438 -28.98 10.14 13.81
CA ILE A 438 -28.32 11.19 14.60
C ILE A 438 -28.19 10.81 16.06
N GLY A 439 -29.21 10.20 16.65
CA GLY A 439 -29.14 9.72 18.02
C GLY A 439 -28.00 8.73 18.21
N MET A 440 -27.89 7.81 17.25
CA MET A 440 -26.83 6.81 17.24
C MET A 440 -25.44 7.44 17.17
N GLY A 441 -25.28 8.39 16.26
CA GLY A 441 -24.08 9.19 16.16
C GLY A 441 -23.69 9.90 17.44
N LYS A 442 -24.69 10.50 18.10
CA LYS A 442 -24.44 11.24 19.33
C LYS A 442 -24.04 10.32 20.48
N GLN A 443 -24.63 9.13 20.55
CA GLN A 443 -24.18 8.16 21.54
C GLN A 443 -22.70 7.83 21.37
N LEU A 444 -22.30 7.60 20.12
CA LEU A 444 -20.90 7.31 19.86
C LEU A 444 -20.03 8.50 20.25
N GLU A 445 -20.47 9.70 19.90
N GLU A 445 -20.48 9.71 19.91
CA GLU A 445 -19.75 10.92 20.22
CA GLU A 445 -19.75 10.93 20.22
C GLU A 445 -19.50 11.10 21.73
C GLU A 445 -19.53 11.14 21.72
N ALA A 446 -20.38 10.55 22.56
CA ALA A 446 -20.20 10.61 24.03
C ALA A 446 -18.91 9.95 24.52
N HIS A 447 -18.34 9.01 23.76
CA HIS A 447 -16.99 8.46 24.05
C HIS A 447 -15.94 8.82 23.00
N GLY A 448 -16.20 9.86 22.21
CA GLY A 448 -15.28 10.26 21.15
C GLY A 448 -15.18 9.26 19.99
N ARG A 449 -16.19 8.40 19.85
CA ARG A 449 -16.19 7.35 18.84
C ARG A 449 -16.88 7.83 17.58
N LYS A 450 -16.64 7.06 16.50
CA LYS A 450 -17.04 7.42 15.15
C LYS A 450 -17.92 6.34 14.58
N LEU A 451 -18.60 6.69 13.50
CA LEU A 451 -19.43 5.79 12.69
C LEU A 451 -18.88 5.82 11.30
N VAL A 452 -18.75 4.65 10.68
CA VAL A 452 -18.40 4.59 9.26
C VAL A 452 -19.56 3.93 8.50
N THR A 453 -19.99 4.59 7.41
CA THR A 453 -21.06 4.11 6.56
C THR A 453 -20.54 3.76 5.17
N ILE A 454 -20.98 2.62 4.66
CA ILE A 454 -20.60 2.19 3.32
C ILE A 454 -21.32 3.02 2.24
N ILE A 455 -20.59 3.40 1.20
CA ILE A 455 -21.13 4.05 0.01
C ILE A 455 -20.34 3.49 -1.17
N ASP A 456 -21.05 2.90 -2.13
CA ASP A 456 -20.44 2.23 -3.29
C ASP A 456 -20.78 3.01 -4.57
N PRO A 457 -20.14 2.69 -5.71
CA PRO A 457 -20.29 3.53 -6.91
C PRO A 457 -21.48 3.16 -7.76
N HIS A 458 -22.16 2.07 -7.43
CA HIS A 458 -23.37 1.66 -8.15
C HIS A 458 -24.58 2.37 -7.54
N ILE A 459 -25.30 3.08 -8.42
CA ILE A 459 -26.42 3.92 -8.05
C ILE A 459 -27.68 3.24 -8.62
N LYS A 460 -28.58 2.82 -7.73
CA LYS A 460 -29.78 2.05 -8.10
C LYS A 460 -30.59 2.75 -9.19
N ASN A 461 -30.93 2.00 -10.22
CA ASN A 461 -31.78 2.47 -11.32
C ASN A 461 -33.23 2.22 -10.95
N THR A 462 -33.86 3.24 -10.38
CA THR A 462 -35.20 3.11 -9.83
C THR A 462 -35.86 4.49 -9.87
N ASN A 463 -37.18 4.53 -9.74
N ASN A 463 -37.17 4.48 -9.64
CA ASN A 463 -37.90 5.80 -9.70
CA ASN A 463 -38.00 5.69 -9.58
C ASN A 463 -37.85 6.38 -8.30
C ASN A 463 -37.85 6.38 -8.24
N ASN A 464 -38.19 7.66 -8.19
CA ASN A 464 -38.27 8.37 -6.91
C ASN A 464 -36.93 8.38 -6.16
N TYR A 465 -35.85 8.57 -6.92
CA TYR A 465 -34.48 8.55 -6.36
C TYR A 465 -33.62 9.63 -6.99
N PRO A 466 -33.53 10.80 -6.33
CA PRO A 466 -32.89 11.94 -6.97
C PRO A 466 -31.42 11.73 -7.34
N VAL A 467 -30.74 10.85 -6.60
CA VAL A 467 -29.32 10.64 -6.86
C VAL A 467 -29.12 10.04 -8.25
N VAL A 468 -29.93 9.05 -8.63
CA VAL A 468 -29.81 8.47 -9.97
C VAL A 468 -30.33 9.42 -11.05
N ASP A 469 -31.34 10.22 -10.72
CA ASP A 469 -31.87 11.19 -11.70
C ASP A 469 -30.76 12.15 -12.13
N GLU A 470 -30.06 12.69 -11.13
CA GLU A 470 -28.95 13.62 -11.37
C GLU A 470 -27.74 12.94 -12.03
N LEU A 471 -27.41 11.71 -11.61
CA LEU A 471 -26.32 10.99 -12.22
C LEU A 471 -26.54 10.95 -13.75
N LYS A 472 -27.76 10.59 -14.13
CA LYS A 472 -28.12 10.48 -15.55
C LYS A 472 -28.22 11.81 -16.26
N SER A 473 -28.96 12.76 -15.67
CA SER A 473 -29.21 14.01 -16.40
C SER A 473 -27.99 14.85 -16.56
N LYS A 474 -27.01 14.68 -15.66
CA LYS A 474 -25.77 15.45 -15.69
C LYS A 474 -24.64 14.74 -16.45
N ASP A 475 -24.96 13.57 -17.02
CA ASP A 475 -24.00 12.80 -17.83
C ASP A 475 -22.77 12.41 -17.01
N LEU A 476 -23.05 11.87 -15.82
CA LEU A 476 -22.00 11.51 -14.87
C LEU A 476 -21.81 10.00 -14.73
N ALA A 477 -22.49 9.21 -15.56
CA ALA A 477 -22.43 7.75 -15.51
C ALA A 477 -21.47 7.23 -16.55
N VAL A 478 -20.90 6.07 -16.25
CA VAL A 478 -20.08 5.37 -17.23
C VAL A 478 -20.96 4.98 -18.40
N LYS A 479 -20.34 5.00 -19.59
CA LYS A 479 -21.05 4.75 -20.85
C LYS A 479 -20.64 3.39 -21.41
N THR A 480 -21.46 2.88 -22.31
CA THR A 480 -21.16 1.70 -23.11
C THR A 480 -20.33 2.06 -24.34
N LYS A 481 -19.95 1.02 -25.08
CA LYS A 481 -19.20 1.14 -26.33
C LYS A 481 -19.79 2.10 -27.37
N ASP A 482 -21.10 2.30 -27.36
CA ASP A 482 -21.73 3.21 -28.33
C ASP A 482 -22.18 4.52 -27.71
N GLY A 483 -21.78 4.78 -26.47
CA GLY A 483 -22.03 6.07 -25.84
C GLY A 483 -23.32 6.13 -25.03
N SER A 484 -24.08 5.05 -24.96
CA SER A 484 -25.25 4.95 -24.09
C SER A 484 -24.81 4.92 -22.64
N ILE A 485 -25.73 5.21 -21.72
CA ILE A 485 -25.46 5.03 -20.29
C ILE A 485 -25.39 3.52 -19.99
N PHE A 486 -24.30 3.09 -19.34
CA PHE A 486 -24.13 1.68 -18.99
C PHE A 486 -25.08 1.29 -17.86
N GLU A 487 -25.66 0.12 -17.97
CA GLU A 487 -26.50 -0.46 -16.93
C GLU A 487 -26.01 -1.86 -16.64
N GLY A 488 -26.03 -2.25 -15.37
CA GLY A 488 -25.71 -3.60 -14.96
C GLY A 488 -26.16 -3.82 -13.56
N TRP A 489 -25.93 -5.02 -13.03
CA TRP A 489 -26.48 -5.42 -11.74
C TRP A 489 -25.43 -5.40 -10.64
N CYS A 490 -25.83 -4.93 -9.46
CA CYS A 490 -25.04 -5.13 -8.24
C CYS A 490 -26.02 -5.25 -7.07
N TRP A 491 -25.63 -4.89 -5.85
CA TRP A 491 -26.50 -5.04 -4.69
C TRP A 491 -27.93 -4.49 -4.89
N PRO A 492 -28.10 -3.32 -5.55
CA PRO A 492 -29.46 -2.79 -5.68
C PRO A 492 -30.26 -3.43 -6.82
N GLY A 493 -29.72 -4.45 -7.46
CA GLY A 493 -30.23 -4.87 -8.75
C GLY A 493 -29.70 -3.99 -9.85
N SER A 494 -30.53 -3.65 -10.83
CA SER A 494 -30.16 -2.78 -11.93
C SER A 494 -29.65 -1.44 -11.41
N SER A 495 -28.50 -1.03 -11.93
CA SER A 495 -27.76 0.12 -11.45
C SER A 495 -27.02 0.81 -12.59
N HIS A 496 -26.57 2.05 -12.35
CA HIS A 496 -25.60 2.73 -13.18
C HIS A 496 -24.39 3.01 -12.30
N TRP A 497 -23.27 3.38 -12.90
CA TRP A 497 -22.05 3.59 -12.14
C TRP A 497 -21.60 5.01 -12.31
N ILE A 498 -21.28 5.67 -11.20
CA ILE A 498 -20.60 6.97 -11.33
C ILE A 498 -19.27 6.86 -12.06
N ASP A 499 -19.03 7.74 -13.03
CA ASP A 499 -17.75 7.80 -13.72
C ASP A 499 -16.88 8.82 -13.03
N ALA A 500 -16.16 8.39 -11.99
CA ALA A 500 -15.36 9.31 -11.21
C ALA A 500 -14.10 9.78 -11.91
N PHE A 501 -13.85 9.29 -13.13
CA PHE A 501 -12.84 9.93 -14.00
C PHE A 501 -13.24 11.36 -14.39
N ASN A 502 -14.53 11.59 -14.45
CA ASN A 502 -15.02 12.93 -14.81
C ASN A 502 -14.91 13.89 -13.62
N PRO A 503 -14.15 15.01 -13.75
CA PRO A 503 -14.10 15.94 -12.63
C PRO A 503 -15.49 16.45 -12.23
N ALA A 504 -16.39 16.56 -13.19
CA ALA A 504 -17.75 17.00 -12.92
C ALA A 504 -18.49 16.04 -12.01
N ALA A 505 -18.23 14.74 -12.20
CA ALA A 505 -18.84 13.74 -11.34
C ALA A 505 -18.29 13.83 -9.92
N ARG A 506 -17.00 14.08 -9.82
CA ARG A 506 -16.36 14.24 -8.51
C ARG A 506 -16.92 15.47 -7.78
N GLU A 507 -17.13 16.56 -8.53
CA GLU A 507 -17.67 17.76 -7.91
C GLU A 507 -19.12 17.57 -7.48
N TRP A 508 -19.92 16.90 -8.31
CA TRP A 508 -21.28 16.57 -7.92
C TRP A 508 -21.31 15.69 -6.65
N TRP A 509 -20.44 14.69 -6.63
CA TRP A 509 -20.34 13.79 -5.47
C TRP A 509 -20.09 14.56 -4.18
N LYS A 510 -19.19 15.55 -4.22
CA LYS A 510 -18.93 16.41 -3.06
C LYS A 510 -20.24 16.94 -2.45
N GLY A 511 -21.14 17.40 -3.32
CA GLY A 511 -22.35 18.01 -2.82
C GLY A 511 -23.25 17.04 -2.07
N LEU A 512 -23.16 15.74 -2.36
CA LEU A 512 -24.03 14.75 -1.75
C LEU A 512 -23.69 14.45 -0.29
N PHE A 513 -22.46 14.78 0.11
CA PHE A 513 -22.00 14.44 1.46
C PHE A 513 -22.14 15.55 2.49
N LYS A 514 -22.54 16.76 2.07
CA LYS A 514 -22.74 17.82 3.06
C LYS A 514 -23.68 17.31 4.11
N TYR A 515 -23.45 17.67 5.38
CA TYR A 515 -24.30 17.14 6.46
C TYR A 515 -25.79 17.47 6.26
N ASP A 516 -26.04 18.64 5.68
CA ASP A 516 -27.42 19.09 5.49
C ASP A 516 -28.07 18.39 4.28
N LYS A 517 -27.29 17.74 3.44
CA LYS A 517 -27.79 16.95 2.32
C LYS A 517 -27.89 15.46 2.65
N PHE A 518 -26.80 14.89 3.16
CA PHE A 518 -26.80 13.48 3.53
C PHE A 518 -27.36 13.37 4.94
N LYS A 519 -28.69 13.41 5.04
CA LYS A 519 -29.36 13.48 6.33
C LYS A 519 -29.00 12.25 7.13
N GLY A 520 -28.83 12.44 8.43
CA GLY A 520 -28.48 11.35 9.34
C GLY A 520 -26.98 11.21 9.60
N THR A 521 -26.19 11.97 8.86
CA THR A 521 -24.74 12.01 9.07
C THR A 521 -24.34 13.26 9.84
N MET A 522 -23.19 13.20 10.49
CA MET A 522 -22.71 14.30 11.31
C MET A 522 -21.18 14.19 11.39
N GLU A 523 -20.56 14.96 12.28
CA GLU A 523 -19.14 15.23 12.20
C GLU A 523 -18.29 14.00 12.53
N ASN A 524 -18.88 13.02 13.19
CA ASN A 524 -18.19 11.74 13.44
C ASN A 524 -18.54 10.63 12.45
N THR A 525 -19.14 10.97 11.31
CA THR A 525 -19.45 9.98 10.28
C THR A 525 -18.38 10.00 9.19
N PHE A 526 -17.76 8.83 8.95
CA PHE A 526 -16.80 8.69 7.86
C PHE A 526 -17.23 7.54 6.96
N ILE A 527 -16.45 7.24 5.92
CA ILE A 527 -17.01 6.53 4.76
C ILE A 527 -16.13 5.33 4.36
N TRP A 528 -16.81 4.26 3.98
CA TRP A 528 -16.22 3.05 3.43
C TRP A 528 -16.64 2.96 1.96
N ASN A 529 -15.68 2.97 1.06
CA ASN A 529 -15.92 2.74 -0.36
C ASN A 529 -15.60 1.31 -0.73
N ASP A 530 -16.53 0.60 -1.38
CA ASP A 530 -16.38 -0.80 -1.71
C ASP A 530 -16.88 -1.07 -3.12
N MET A 531 -16.61 -2.27 -3.63
CA MET A 531 -17.16 -2.71 -4.91
C MET A 531 -16.72 -1.78 -6.02
N ASN A 532 -15.57 -1.14 -5.85
CA ASN A 532 -15.13 -0.09 -6.76
C ASN A 532 -14.08 -0.54 -7.77
N GLU A 533 -14.03 -1.85 -8.00
CA GLU A 533 -13.14 -2.40 -9.00
C GLU A 533 -13.39 -1.91 -10.45
N PRO A 534 -14.64 -1.80 -10.91
CA PRO A 534 -15.94 -1.95 -10.28
C PRO A 534 -16.46 -3.37 -10.29
N SER A 535 -17.23 -3.72 -9.28
CA SER A 535 -17.92 -5.01 -9.20
C SER A 535 -19.27 -4.91 -9.89
N VAL A 536 -19.45 -5.75 -10.90
CA VAL A 536 -20.69 -5.79 -11.71
C VAL A 536 -21.09 -7.25 -11.75
N PHE A 537 -22.16 -7.62 -11.05
CA PHE A 537 -22.49 -9.03 -10.83
C PHE A 537 -22.74 -9.80 -12.11
N ASN A 538 -23.29 -9.13 -13.13
CA ASN A 538 -23.56 -9.79 -14.41
C ASN A 538 -22.53 -9.49 -15.46
N GLY A 539 -21.41 -8.86 -15.09
CA GLY A 539 -20.37 -8.53 -16.04
C GLY A 539 -19.29 -9.61 -16.12
N PRO A 540 -18.48 -9.54 -17.17
CA PRO A 540 -17.41 -10.52 -17.33
C PRO A 540 -16.35 -10.38 -16.22
N GLU A 541 -15.99 -11.49 -15.61
CA GLU A 541 -15.11 -11.49 -14.43
C GLU A 541 -15.64 -10.55 -13.35
N VAL A 542 -16.96 -10.38 -13.30
CA VAL A 542 -17.62 -9.58 -12.27
C VAL A 542 -17.22 -8.11 -12.38
N THR A 543 -16.89 -7.65 -13.58
CA THR A 543 -16.58 -6.24 -13.78
C THR A 543 -17.18 -5.69 -15.08
N MET A 544 -16.80 -4.48 -15.46
CA MET A 544 -17.36 -3.83 -16.65
C MET A 544 -16.77 -4.42 -17.92
N PRO A 545 -17.54 -4.42 -19.01
CA PRO A 545 -16.99 -4.64 -20.34
C PRO A 545 -15.80 -3.75 -20.64
N LYS A 546 -14.80 -4.33 -21.30
CA LYS A 546 -13.62 -3.57 -21.65
C LYS A 546 -13.85 -2.39 -22.58
N ASP A 547 -14.94 -2.49 -23.35
CA ASP A 547 -15.30 -1.45 -24.31
C ASP A 547 -16.31 -0.48 -23.78
N ASN A 548 -16.63 -0.50 -22.48
CA ASN A 548 -17.25 0.69 -21.91
C ASN A 548 -16.39 1.92 -22.16
N LEU A 549 -17.03 3.10 -22.15
CA LEU A 549 -16.37 4.37 -22.36
C LEU A 549 -16.46 5.26 -21.13
N HIS A 550 -15.35 5.88 -20.81
CA HIS A 550 -15.26 6.83 -19.73
C HIS A 550 -15.07 8.24 -20.26
N HIS A 551 -15.27 9.20 -19.37
CA HIS A 551 -14.91 10.59 -19.60
C HIS A 551 -13.57 10.68 -20.28
N GLY A 552 -13.47 11.52 -21.32
CA GLY A 552 -12.29 11.59 -22.19
C GLY A 552 -12.40 10.69 -23.41
N ASN A 553 -13.42 9.85 -23.45
CA ASN A 553 -13.57 8.81 -24.47
C ASN A 553 -12.50 7.74 -24.44
N TRP A 554 -11.96 7.52 -23.24
CA TRP A 554 -11.08 6.36 -23.03
C TRP A 554 -11.92 5.10 -22.87
N GLU A 555 -11.41 3.99 -23.39
CA GLU A 555 -12.04 2.72 -23.12
C GLU A 555 -11.81 2.27 -21.68
N HIS A 556 -12.75 1.52 -21.15
CA HIS A 556 -12.56 0.90 -19.83
C HIS A 556 -11.26 0.08 -19.77
N ARG A 557 -10.89 -0.55 -20.86
CA ARG A 557 -9.61 -1.31 -20.87
C ARG A 557 -8.45 -0.40 -20.57
N ASP A 558 -8.53 0.87 -20.98
CA ASP A 558 -7.40 1.78 -20.85
C ASP A 558 -7.17 2.12 -19.38
N VAL A 559 -8.25 2.20 -18.61
CA VAL A 559 -8.19 2.86 -17.32
C VAL A 559 -8.60 1.94 -16.15
N HIS A 560 -8.89 0.68 -16.42
CA HIS A 560 -9.54 -0.19 -15.42
C HIS A 560 -8.89 -0.11 -14.04
N ASN A 561 -7.57 -0.24 -13.98
CA ASN A 561 -6.93 -0.32 -12.66
C ASN A 561 -6.94 1.00 -11.91
N LEU A 562 -7.25 2.10 -12.59
CA LEU A 562 -7.45 3.39 -11.92
C LEU A 562 -8.84 3.58 -11.34
N ASN A 563 -9.80 2.76 -11.77
CA ASN A 563 -11.20 3.07 -11.47
C ASN A 563 -11.46 3.21 -10.00
N GLY A 564 -10.97 2.24 -9.20
CA GLY A 564 -11.22 2.30 -7.77
C GLY A 564 -10.67 3.55 -7.14
N MET A 565 -9.45 3.91 -7.53
CA MET A 565 -8.80 5.10 -7.02
C MET A 565 -9.58 6.40 -7.36
N THR A 566 -10.13 6.46 -8.56
CA THR A 566 -10.91 7.66 -8.89
C THR A 566 -12.10 7.84 -7.97
N PHE A 567 -12.72 6.73 -7.58
CA PHE A 567 -13.86 6.74 -6.68
C PHE A 567 -13.47 7.10 -5.24
N GLN A 568 -12.40 6.47 -4.74
CA GLN A 568 -11.88 6.89 -3.43
C GLN A 568 -11.46 8.35 -3.42
N ASN A 569 -10.90 8.80 -4.53
CA ASN A 569 -10.57 10.23 -4.68
C ASN A 569 -11.80 11.12 -4.54
N ALA A 570 -12.86 10.76 -5.24
CA ALA A 570 -14.09 11.55 -5.19
C ALA A 570 -14.57 11.63 -3.75
N THR A 571 -14.54 10.52 -3.04
CA THR A 571 -15.04 10.48 -1.67
C THR A 571 -14.11 11.24 -0.71
N TYR A 572 -12.82 11.05 -0.86
CA TYR A 572 -11.83 11.81 -0.06
C TYR A 572 -12.15 13.31 -0.11
N HIS A 573 -12.28 13.81 -1.33
CA HIS A 573 -12.47 15.25 -1.50
C HIS A 573 -13.82 15.72 -1.00
N ALA A 574 -14.79 14.84 -0.99
CA ALA A 574 -16.09 15.10 -0.41
C ALA A 574 -16.06 15.27 1.11
N LEU A 575 -15.06 14.71 1.78
CA LEU A 575 -15.02 14.76 3.24
C LEU A 575 -14.11 15.87 3.78
N LEU A 576 -13.42 16.61 2.92
CA LEU A 576 -12.61 17.73 3.39
C LEU A 576 -13.46 18.78 4.11
N SER A 577 -14.65 19.04 3.57
CA SER A 577 -15.56 20.05 4.14
C SER A 577 -16.99 19.65 3.87
N ARG A 578 -17.77 19.48 4.93
CA ARG A 578 -19.19 19.09 4.81
C ARG A 578 -20.17 20.09 5.41
N LYS A 579 -19.64 21.23 5.86
CA LYS A 579 -20.44 22.37 6.30
C LYS A 579 -19.56 23.60 6.19
N PRO A 580 -20.17 24.80 6.19
CA PRO A 580 -19.36 26.00 6.04
C PRO A 580 -18.29 26.10 7.11
N GLY A 581 -17.09 26.45 6.68
CA GLY A 581 -15.96 26.67 7.56
C GLY A 581 -15.24 25.41 8.01
N GLU A 582 -15.73 24.24 7.65
CA GLU A 582 -15.05 22.98 8.08
C GLU A 582 -13.96 22.68 7.07
N HIS A 583 -12.80 22.26 7.59
CA HIS A 583 -11.69 21.80 6.75
C HIS A 583 -10.91 20.76 7.56
N ARG A 584 -11.02 19.50 7.17
CA ARG A 584 -10.47 18.44 8.00
C ARG A 584 -10.09 17.23 7.19
N ARG A 585 -9.34 16.34 7.85
CA ARG A 585 -8.85 15.16 7.17
C ARG A 585 -9.97 14.18 6.89
N PRO A 586 -10.04 13.69 5.65
CA PRO A 586 -10.92 12.56 5.40
C PRO A 586 -10.47 11.26 6.11
N PHE A 587 -11.41 10.36 6.29
CA PHE A 587 -11.09 8.93 6.44
C PHE A 587 -11.99 8.19 5.49
N VAL A 588 -11.36 7.47 4.55
CA VAL A 588 -12.03 6.64 3.57
C VAL A 588 -11.27 5.32 3.46
N LEU A 589 -11.97 4.22 3.67
CA LEU A 589 -11.47 2.88 3.33
C LEU A 589 -11.86 2.54 1.91
N THR A 590 -10.95 1.93 1.16
CA THR A 590 -11.22 1.44 -0.19
C THR A 590 -10.94 -0.03 -0.28
N ARG A 591 -11.61 -0.68 -1.23
CA ARG A 591 -11.26 -2.05 -1.63
C ARG A 591 -10.32 -2.01 -2.81
N ALA A 592 -10.73 -1.37 -3.91
CA ALA A 592 -9.89 -1.28 -5.10
C ALA A 592 -8.97 -0.06 -5.02
N PHE A 593 -7.81 -0.14 -5.64
CA PHE A 593 -6.80 0.88 -5.48
C PHE A 593 -5.75 0.74 -6.58
N PHE A 594 -4.89 1.76 -6.65
CA PHE A 594 -3.80 1.83 -7.61
C PHE A 594 -2.64 2.56 -6.95
N ALA A 595 -1.53 2.68 -7.68
CA ALA A 595 -0.44 3.55 -7.29
C ALA A 595 -0.97 4.95 -7.01
N GLY A 596 -0.67 5.51 -5.84
CA GLY A 596 -1.19 6.81 -5.45
C GLY A 596 -2.33 6.77 -4.47
N SER A 597 -2.98 5.61 -4.30
CA SER A 597 -4.11 5.52 -3.38
C SER A 597 -3.73 5.82 -1.93
N GLN A 598 -2.44 5.71 -1.60
CA GLN A 598 -1.94 6.13 -0.30
C GLN A 598 -2.27 7.59 0.05
N ARG A 599 -2.51 8.42 -0.96
N ARG A 599 -2.51 8.42 -0.97
CA ARG A 599 -2.88 9.82 -0.72
CA ARG A 599 -2.85 9.82 -0.72
C ARG A 599 -4.28 9.97 -0.17
C ARG A 599 -4.28 9.98 -0.23
N LEU A 600 -5.08 8.89 -0.22
CA LEU A 600 -6.53 9.01 -0.11
C LEU A 600 -7.15 8.28 1.06
N GLY A 601 -6.41 7.42 1.76
CA GLY A 601 -6.99 6.66 2.86
C GLY A 601 -6.42 5.27 3.01
N ALA A 602 -7.22 4.36 3.52
CA ALA A 602 -6.79 3.00 3.88
C ALA A 602 -7.28 2.01 2.84
N MET A 603 -6.69 0.82 2.83
CA MET A 603 -7.24 -0.34 2.12
C MET A 603 -7.33 -1.51 3.10
N TRP A 604 -8.09 -2.52 2.69
CA TRP A 604 -8.00 -3.81 3.33
C TRP A 604 -7.99 -4.87 2.25
N THR A 605 -7.57 -6.09 2.59
CA THR A 605 -7.40 -7.15 1.62
C THR A 605 -8.69 -7.91 1.26
N GLY A 606 -9.85 -7.31 1.44
CA GLY A 606 -11.08 -7.84 0.89
C GLY A 606 -11.61 -9.06 1.62
N ASP A 607 -12.30 -9.91 0.88
CA ASP A 607 -13.08 -10.98 1.49
C ASP A 607 -12.19 -12.19 1.71
N ASN A 608 -11.43 -12.13 2.80
CA ASN A 608 -10.61 -13.24 3.25
C ASN A 608 -11.46 -14.29 3.96
N THR A 609 -10.83 -15.32 4.50
CA THR A 609 -11.54 -16.48 5.04
C THR A 609 -11.07 -16.77 6.44
N ALA A 610 -11.99 -17.20 7.31
CA ALA A 610 -11.70 -17.56 8.70
C ALA A 610 -10.97 -18.88 8.83
N ASP A 611 -9.71 -18.91 8.45
CA ASP A 611 -8.86 -20.08 8.61
C ASP A 611 -7.44 -19.67 8.81
N TRP A 612 -6.67 -20.55 9.44
CA TRP A 612 -5.32 -20.28 9.84
C TRP A 612 -4.44 -19.84 8.68
N GLY A 613 -4.58 -20.46 7.50
CA GLY A 613 -3.75 -20.08 6.38
C GLY A 613 -3.93 -18.63 5.95
N TYR A 614 -5.14 -18.10 6.09
CA TYR A 614 -5.42 -16.72 5.74
C TYR A 614 -4.87 -15.78 6.81
N LEU A 615 -4.89 -16.16 8.08
CA LEU A 615 -4.23 -15.38 9.12
C LEU A 615 -2.73 -15.28 8.78
N LYS A 616 -2.10 -16.40 8.48
CA LYS A 616 -0.68 -16.39 8.14
C LYS A 616 -0.44 -15.51 6.90
N ALA A 617 -1.25 -15.69 5.87
CA ALA A 617 -1.04 -14.98 4.60
C ALA A 617 -1.21 -13.48 4.76
N SER A 618 -1.95 -13.03 5.77
CA SER A 618 -2.21 -11.62 5.90
C SER A 618 -0.96 -10.78 6.09
N ILE A 619 0.04 -11.36 6.76
CA ILE A 619 1.23 -10.59 7.11
C ILE A 619 2.07 -10.26 5.87
N PRO A 620 2.43 -11.25 5.04
CA PRO A 620 3.09 -10.90 3.78
C PRO A 620 2.27 -9.97 2.91
N MET A 621 0.94 -10.08 2.92
CA MET A 621 0.15 -9.16 2.11
C MET A 621 0.23 -7.74 2.61
N VAL A 622 0.03 -7.54 3.90
CA VAL A 622 0.08 -6.23 4.48
C VAL A 622 1.49 -5.63 4.37
N LEU A 623 2.54 -6.44 4.52
CA LEU A 623 3.90 -5.95 4.31
C LEU A 623 4.10 -5.50 2.84
N SER A 624 3.59 -6.28 1.89
CA SER A 624 3.77 -5.93 0.47
C SER A 624 3.10 -4.60 0.17
N GLN A 625 2.00 -4.31 0.84
CA GLN A 625 1.35 -3.04 0.65
C GLN A 625 2.28 -1.89 1.03
N GLY A 626 2.92 -1.98 2.19
CA GLY A 626 3.76 -0.87 2.65
C GLY A 626 4.99 -0.66 1.82
N ILE A 627 5.63 -1.72 1.36
CA ILE A 627 6.82 -1.54 0.53
C ILE A 627 6.48 -1.12 -0.88
N ALA A 628 5.21 -1.22 -1.27
CA ALA A 628 4.71 -0.63 -2.50
C ALA A 628 4.14 0.75 -2.28
N GLY A 629 4.45 1.38 -1.17
CA GLY A 629 4.09 2.75 -0.95
C GLY A 629 2.65 2.99 -0.54
N PHE A 630 1.92 1.96 -0.10
CA PHE A 630 0.54 2.08 0.37
C PHE A 630 0.38 1.29 1.69
N PRO A 631 1.01 1.82 2.75
CA PRO A 631 1.09 1.06 4.00
C PRO A 631 -0.16 1.01 4.85
N PHE A 632 -1.12 1.91 4.64
CA PHE A 632 -2.31 1.95 5.50
C PHE A 632 -3.27 0.84 5.09
N ALA A 633 -3.00 -0.35 5.65
CA ALA A 633 -3.45 -1.62 5.09
C ALA A 633 -3.74 -2.59 6.24
N GLY A 634 -4.66 -3.50 5.98
CA GLY A 634 -5.00 -4.56 6.90
C GLY A 634 -5.82 -5.65 6.25
N ALA A 635 -6.13 -6.66 7.05
CA ALA A 635 -7.03 -7.75 6.67
C ALA A 635 -8.13 -7.86 7.72
N ASP A 636 -9.27 -8.41 7.32
CA ASP A 636 -10.37 -8.57 8.28
C ASP A 636 -9.98 -9.52 9.40
N VAL A 637 -10.03 -8.99 10.61
CA VAL A 637 -9.69 -9.77 11.81
C VAL A 637 -10.80 -10.77 12.10
N GLY A 638 -10.38 -12.04 12.22
CA GLY A 638 -11.28 -13.17 12.28
C GLY A 638 -11.49 -13.87 10.98
N GLY A 639 -11.20 -13.17 9.86
CA GLY A 639 -11.55 -13.64 8.51
C GLY A 639 -12.99 -13.34 8.16
N PHE A 640 -13.24 -12.95 6.92
CA PHE A 640 -14.59 -12.52 6.53
C PHE A 640 -15.53 -13.74 6.42
N PHE A 641 -15.19 -14.70 5.59
CA PHE A 641 -16.05 -15.87 5.37
C PHE A 641 -15.88 -16.87 6.49
N GLY A 642 -16.97 -17.36 7.04
CA GLY A 642 -16.91 -18.49 7.97
C GLY A 642 -16.84 -18.10 9.43
N ASN A 643 -16.62 -19.12 10.25
CA ASN A 643 -16.65 -18.99 11.69
C ASN A 643 -15.33 -19.43 12.26
N PRO A 644 -14.51 -18.48 12.75
CA PRO A 644 -13.22 -18.86 13.27
C PRO A 644 -13.38 -19.54 14.63
N ASP A 645 -12.57 -20.57 14.86
CA ASP A 645 -12.48 -21.13 16.19
C ASP A 645 -11.98 -20.05 17.16
N LYS A 646 -12.22 -20.25 18.44
CA LYS A 646 -11.92 -19.27 19.45
C LYS A 646 -10.41 -18.97 19.50
N ASP A 647 -9.60 -20.01 19.41
CA ASP A 647 -8.16 -19.79 19.39
C ASP A 647 -7.70 -19.03 18.14
N LEU A 648 -8.26 -19.38 16.99
CA LEU A 648 -7.96 -18.65 15.75
C LEU A 648 -8.35 -17.21 15.89
N LEU A 649 -9.54 -16.91 16.40
CA LEU A 649 -9.95 -15.53 16.56
C LEU A 649 -9.00 -14.77 17.47
N THR A 650 -8.59 -15.41 18.56
CA THR A 650 -7.72 -14.79 19.53
C THR A 650 -6.34 -14.50 18.92
N ARG A 651 -5.76 -15.47 18.23
CA ARG A 651 -4.52 -15.21 17.50
C ARG A 651 -4.72 -14.14 16.45
N TRP A 652 -5.91 -14.07 15.84
CA TRP A 652 -6.10 -13.04 14.83
C TRP A 652 -6.09 -11.65 15.44
N TYR A 653 -6.64 -11.46 16.63
CA TYR A 653 -6.47 -10.17 17.31
C TYR A 653 -5.01 -9.87 17.58
N GLN A 654 -4.23 -10.87 17.97
CA GLN A 654 -2.82 -10.63 18.27
C GLN A 654 -2.00 -10.26 17.05
N THR A 655 -2.44 -10.69 15.87
CA THR A 655 -1.85 -10.23 14.61
C THR A 655 -2.39 -8.88 14.20
N GLY A 656 -3.71 -8.73 14.30
CA GLY A 656 -4.39 -7.55 13.79
C GLY A 656 -4.00 -6.26 14.45
N ILE A 657 -3.58 -6.32 15.71
CA ILE A 657 -3.03 -5.14 16.39
C ILE A 657 -1.75 -4.61 15.76
N PHE A 658 -1.19 -5.36 14.80
CA PHE A 658 -0.01 -4.90 14.07
C PHE A 658 -0.35 -4.51 12.62
N TYR A 659 -1.61 -4.62 12.22
CA TYR A 659 -2.01 -4.06 10.91
C TYR A 659 -2.13 -2.55 11.08
N PRO A 660 -1.57 -1.75 10.17
CA PRO A 660 -1.83 -0.31 10.25
C PRO A 660 -3.33 0.03 10.25
N PHE A 661 -4.12 -0.72 9.49
CA PHE A 661 -5.59 -0.61 9.53
C PHE A 661 -6.16 -1.86 10.17
N PHE A 662 -6.74 -1.65 11.37
CA PHE A 662 -7.12 -2.75 12.28
C PHE A 662 -8.64 -2.81 12.48
N ARG A 663 -9.27 -3.74 11.77
CA ARG A 663 -10.73 -3.89 11.76
C ARG A 663 -11.11 -5.35 11.80
N ALA A 664 -12.09 -5.66 12.65
CA ALA A 664 -12.80 -6.96 12.61
C ALA A 664 -14.02 -6.84 11.68
N HIS A 665 -14.26 -7.86 10.89
CA HIS A 665 -15.39 -7.87 9.97
C HIS A 665 -15.76 -9.32 9.74
N ALA A 666 -17.01 -9.54 9.32
CA ALA A 666 -17.58 -10.88 9.18
C ALA A 666 -18.68 -10.88 8.16
N HIS A 667 -18.77 -11.97 7.43
CA HIS A 667 -19.80 -12.18 6.39
C HIS A 667 -21.19 -12.42 7.02
N ILE A 668 -22.20 -12.17 6.21
CA ILE A 668 -23.60 -12.19 6.64
C ILE A 668 -24.04 -13.54 7.23
N ASP A 669 -23.44 -14.61 6.75
CA ASP A 669 -23.79 -15.94 7.24
C ASP A 669 -22.99 -16.38 8.45
N ALA A 670 -21.96 -15.59 8.83
CA ALA A 670 -21.11 -15.91 9.96
C ALA A 670 -21.82 -15.53 11.25
N ARG A 671 -21.61 -16.35 12.27
CA ARG A 671 -22.07 -16.04 13.63
C ARG A 671 -21.56 -14.71 14.11
N ARG A 672 -22.32 -14.03 14.95
CA ARG A 672 -21.85 -12.86 15.66
C ARG A 672 -20.56 -13.19 16.39
N ARG A 673 -19.57 -12.30 16.26
CA ARG A 673 -18.30 -12.52 16.94
C ARG A 673 -17.68 -11.20 17.39
N GLU A 674 -18.49 -10.23 17.79
CA GLU A 674 -17.98 -9.16 18.59
C GLU A 674 -17.15 -9.73 19.73
N PRO A 675 -16.05 -9.09 20.10
CA PRO A 675 -15.01 -9.84 20.82
C PRO A 675 -15.44 -10.31 22.20
N TYR A 676 -16.36 -9.60 22.85
CA TYR A 676 -16.87 -10.01 24.17
C TYR A 676 -17.72 -11.29 24.12
N LEU A 677 -18.07 -11.79 22.93
CA LEU A 677 -18.78 -13.04 22.79
C LEU A 677 -17.90 -14.26 22.82
N THR A 678 -16.58 -14.08 22.85
CA THR A 678 -15.70 -15.21 22.62
C THR A 678 -15.74 -16.19 23.83
N GLY A 679 -15.80 -15.63 25.02
CA GLY A 679 -15.75 -16.44 26.25
C GLY A 679 -14.37 -16.38 26.87
N GLU A 680 -14.28 -16.61 28.17
CA GLU A 680 -12.98 -16.79 28.80
C GLU A 680 -12.36 -18.14 28.46
N PRO A 681 -11.03 -18.21 28.40
CA PRO A 681 -10.03 -17.18 28.69
C PRO A 681 -9.78 -16.22 27.50
N TYR A 682 -10.47 -16.44 26.40
CA TYR A 682 -10.20 -15.68 25.15
C TYR A 682 -10.52 -14.21 25.33
N ASN A 683 -11.61 -13.86 26.01
CA ASN A 683 -11.95 -12.45 26.20
C ASN A 683 -10.79 -11.68 26.80
N THR A 684 -10.18 -12.23 27.84
CA THR A 684 -9.11 -11.52 28.55
C THR A 684 -7.89 -11.36 27.63
N ILE A 685 -7.58 -12.40 26.86
CA ILE A 685 -6.43 -12.35 25.95
C ILE A 685 -6.69 -11.31 24.83
N ILE A 686 -7.90 -11.30 24.29
CA ILE A 686 -8.25 -10.34 23.25
C ILE A 686 -8.21 -8.93 23.81
N ALA A 687 -8.76 -8.72 25.00
CA ALA A 687 -8.71 -7.41 25.61
C ALA A 687 -7.28 -6.93 25.87
N ALA A 688 -6.39 -7.84 26.27
CA ALA A 688 -4.99 -7.48 26.43
C ALA A 688 -4.35 -7.05 25.11
N ALA A 689 -4.71 -7.73 24.03
CA ALA A 689 -4.22 -7.32 22.71
C ALA A 689 -4.71 -5.92 22.38
N LEU A 690 -6.00 -5.68 22.56
CA LEU A 690 -6.53 -4.36 22.30
C LEU A 690 -5.84 -3.30 23.14
N ARG A 691 -5.61 -3.60 24.42
CA ARG A 691 -4.95 -2.62 25.26
C ARG A 691 -3.51 -2.32 24.81
N LEU A 692 -2.83 -3.32 24.27
CA LEU A 692 -1.49 -3.11 23.73
C LEU A 692 -1.50 -2.19 22.50
N ARG A 693 -2.45 -2.42 21.58
CA ARG A 693 -2.61 -1.52 20.43
C ARG A 693 -2.81 -0.10 20.90
N TYR A 694 -3.71 0.09 21.85
CA TYR A 694 -3.99 1.44 22.36
C TYR A 694 -2.80 2.06 23.07
N SER A 695 -2.12 1.28 23.91
N SER A 695 -2.14 1.28 23.92
N SER A 695 -2.12 1.29 23.91
CA SER A 695 -0.94 1.79 24.60
CA SER A 695 -0.93 1.74 24.59
CA SER A 695 -0.95 1.83 24.59
C SER A 695 0.12 2.29 23.62
C SER A 695 0.09 2.30 23.61
C SER A 695 0.11 2.31 23.60
N LEU A 696 0.27 1.59 22.49
CA LEU A 696 1.26 1.94 21.48
C LEU A 696 0.79 3.00 20.49
N LEU A 697 -0.46 3.47 20.62
CA LEU A 697 -0.95 4.48 19.68
C LEU A 697 -0.01 5.67 19.46
N PRO A 698 0.65 6.20 20.50
CA PRO A 698 1.59 7.31 20.26
C PRO A 698 2.67 6.96 19.23
N SER A 699 3.16 5.73 19.31
CA SER A 699 4.15 5.23 18.37
C SER A 699 3.56 4.86 17.01
N TRP A 700 2.38 4.27 16.98
CA TRP A 700 1.70 4.03 15.69
C TRP A 700 1.47 5.33 14.94
N TYR A 701 0.99 6.36 15.65
CA TYR A 701 0.72 7.63 14.98
C TYR A 701 2.00 8.24 14.45
N THR A 702 3.08 8.13 15.23
CA THR A 702 4.36 8.60 14.77
C THR A 702 4.85 7.84 13.52
N ALA A 703 4.56 6.54 13.46
CA ALA A 703 4.89 5.76 12.27
C ALA A 703 4.15 6.26 11.04
N PHE A 704 2.87 6.61 11.21
CA PHE A 704 2.12 7.21 10.12
C PHE A 704 2.70 8.57 9.75
N ARG A 705 3.18 9.36 10.71
CA ARG A 705 3.81 10.65 10.38
C ARG A 705 4.98 10.43 9.43
N HIS A 706 5.80 9.42 9.70
CA HIS A 706 6.94 9.12 8.81
C HIS A 706 6.49 8.65 7.44
N ALA A 707 5.42 7.85 7.40
CA ALA A 707 4.83 7.49 6.10
C ALA A 707 4.41 8.75 5.32
N HIS A 708 3.89 9.74 6.03
CA HIS A 708 3.50 11.01 5.40
C HIS A 708 4.70 11.86 4.97
N LEU A 709 5.72 11.90 5.81
CA LEU A 709 6.88 12.75 5.50
C LEU A 709 7.64 12.26 4.31
N ASP A 710 7.84 10.95 4.18
CA ASP A 710 8.74 10.46 3.14
C ASP A 710 8.41 9.06 2.64
N GLY A 711 7.20 8.59 2.87
CA GLY A 711 6.83 7.31 2.33
C GLY A 711 7.40 6.10 3.10
N THR A 712 7.93 6.32 4.29
CA THR A 712 8.49 5.22 5.08
C THR A 712 7.36 4.23 5.40
N PRO A 713 7.60 2.92 5.17
CA PRO A 713 6.59 1.93 5.58
C PRO A 713 6.27 2.01 7.07
N ILE A 714 5.03 1.66 7.41
CA ILE A 714 4.56 1.71 8.79
C ILE A 714 5.01 0.48 9.58
N ILE A 715 4.85 -0.70 8.97
CA ILE A 715 5.53 -1.91 9.45
C ILE A 715 6.52 -2.34 8.38
N LYS A 716 7.73 -2.72 8.79
CA LYS A 716 8.87 -2.83 7.92
C LYS A 716 9.40 -4.25 7.88
N PRO A 717 9.55 -4.84 6.69
CA PRO A 717 10.15 -6.15 6.59
C PRO A 717 11.65 -6.11 6.77
N MET A 718 12.23 -7.29 6.97
CA MET A 718 13.66 -7.40 7.22
C MET A 718 14.51 -6.85 6.10
N PHE A 719 14.06 -6.99 4.85
CA PHE A 719 14.89 -6.48 3.77
C PHE A 719 15.06 -4.98 3.86
N TYR A 720 14.08 -4.31 4.45
CA TYR A 720 14.07 -2.85 4.54
C TYR A 720 14.92 -2.36 5.68
N THR A 721 14.75 -2.96 6.86
CA THR A 721 15.51 -2.53 8.03
C THR A 721 16.97 -2.99 7.98
N HIS A 722 17.22 -4.11 7.34
CA HIS A 722 18.51 -4.79 7.41
C HIS A 722 18.99 -5.17 6.02
N PRO A 723 19.23 -4.16 5.16
CA PRO A 723 19.67 -4.46 3.81
C PRO A 723 21.00 -5.17 3.72
N SER A 724 21.82 -5.12 4.75
CA SER A 724 23.10 -5.82 4.73
C SER A 724 23.01 -7.27 5.16
N GLU A 725 21.83 -7.73 5.59
CA GLU A 725 21.69 -9.09 6.15
C GLU A 725 20.91 -9.96 5.16
N GLU A 726 21.64 -10.67 4.31
CA GLU A 726 21.09 -11.47 3.20
C GLU A 726 20.01 -12.45 3.65
N ALA A 727 20.16 -13.06 4.83
CA ALA A 727 19.21 -14.06 5.26
C ALA A 727 17.82 -13.49 5.50
N GLY A 728 17.70 -12.18 5.61
CA GLY A 728 16.41 -11.56 5.76
C GLY A 728 15.56 -11.48 4.53
N LEU A 729 16.15 -11.68 3.35
CA LEU A 729 15.40 -11.48 2.09
C LEU A 729 14.11 -12.32 1.94
N PRO A 730 14.13 -13.59 2.31
CA PRO A 730 12.89 -14.41 2.14
C PRO A 730 11.97 -14.33 3.37
N ILE A 731 12.27 -13.45 4.33
CA ILE A 731 11.50 -13.43 5.57
C ILE A 731 10.31 -12.48 5.46
N ASP A 732 9.12 -13.02 5.71
CA ASP A 732 7.91 -12.21 5.58
C ASP A 732 6.88 -12.46 6.67
N ASP A 733 7.32 -12.97 7.84
CA ASP A 733 6.42 -13.31 8.94
C ASP A 733 6.78 -12.55 10.21
N GLN A 734 7.71 -11.58 10.09
CA GLN A 734 8.10 -10.74 11.21
C GLN A 734 8.47 -9.37 10.65
N PHE A 735 8.43 -8.35 11.50
CA PHE A 735 8.53 -6.98 11.02
C PHE A 735 8.79 -6.05 12.18
N PHE A 736 9.40 -4.92 11.85
CA PHE A 736 9.58 -3.82 12.78
C PHE A 736 8.44 -2.82 12.70
N ILE A 737 8.11 -2.19 13.84
CA ILE A 737 7.02 -1.22 13.92
C ILE A 737 7.61 0.17 13.86
N GLY A 738 7.24 0.92 12.82
CA GLY A 738 7.64 2.30 12.71
C GLY A 738 9.10 2.48 12.98
N ASN A 739 9.32 3.47 13.85
CA ASN A 739 10.58 3.91 14.25
C ASN A 739 10.90 3.51 15.68
N THR A 740 10.39 2.38 16.11
CA THR A 740 10.42 2.00 17.55
C THR A 740 11.48 0.97 17.88
N GLY A 741 11.99 0.24 16.90
CA GLY A 741 12.80 -0.93 17.16
C GLY A 741 12.05 -2.14 17.68
N LEU A 742 10.72 -2.09 17.71
CA LEU A 742 9.90 -3.21 18.14
C LEU A 742 9.80 -4.19 17.00
N LEU A 743 10.13 -5.44 17.28
CA LEU A 743 10.16 -6.55 16.34
C LEU A 743 9.10 -7.53 16.73
N ALA A 744 8.07 -7.69 15.89
CA ALA A 744 6.95 -8.59 16.19
C ALA A 744 7.00 -9.82 15.33
N LYS A 745 6.64 -10.96 15.90
CA LYS A 745 6.40 -12.19 15.14
C LYS A 745 5.16 -12.88 15.69
N PRO A 746 3.98 -12.49 15.23
CA PRO A 746 2.75 -13.11 15.74
C PRO A 746 2.68 -14.60 15.43
N VAL A 747 2.02 -15.33 16.34
CA VAL A 747 1.73 -16.74 16.08
C VAL A 747 0.55 -16.90 15.11
N THR A 748 0.77 -17.63 14.03
CA THR A 748 -0.25 -17.78 12.99
C THR A 748 -0.50 -19.22 12.63
N ASP A 749 -0.06 -20.13 13.48
CA ASP A 749 -0.28 -21.56 13.30
C ASP A 749 -1.10 -22.14 14.45
N LYS A 750 -2.02 -23.04 14.10
CA LYS A 750 -2.87 -23.72 15.02
C LYS A 750 -2.07 -24.55 16.05
N ASP A 751 -2.43 -24.42 17.30
CA ASP A 751 -1.86 -25.24 18.39
C ASP A 751 -0.37 -25.01 18.62
N ARG A 752 0.15 -23.88 18.16
CA ARG A 752 1.54 -23.54 18.40
C ARG A 752 1.71 -22.86 19.72
N THR A 753 2.78 -23.22 20.42
CA THR A 753 3.05 -22.66 21.74
C THR A 753 4.47 -22.11 21.86
N SER A 754 5.16 -22.00 20.73
N SER A 754 5.09 -21.90 20.71
CA SER A 754 6.41 -21.31 20.65
CA SER A 754 6.46 -21.49 20.59
C SER A 754 6.61 -20.77 19.26
C SER A 754 6.52 -20.68 19.30
N VAL A 755 7.55 -19.85 19.15
CA VAL A 755 7.85 -19.22 17.87
C VAL A 755 9.36 -19.08 17.74
N ASP A 756 9.87 -19.24 16.54
CA ASP A 756 11.28 -19.03 16.24
C ASP A 756 11.42 -17.68 15.58
N ILE A 757 12.11 -16.75 16.21
CA ILE A 757 12.26 -15.42 15.65
C ILE A 757 13.65 -15.27 15.09
N TRP A 758 13.77 -14.74 13.88
CA TRP A 758 15.06 -14.46 13.30
C TRP A 758 15.61 -13.14 13.86
N ILE A 759 16.77 -13.20 14.50
CA ILE A 759 17.36 -12.04 15.08
C ILE A 759 18.31 -11.46 14.04
N PRO A 760 18.03 -10.24 13.53
CA PRO A 760 18.71 -9.78 12.32
C PRO A 760 20.19 -9.46 12.44
N ASP A 761 20.65 -9.10 13.64
CA ASP A 761 21.96 -8.52 13.81
C ASP A 761 22.49 -8.81 15.20
N SER A 762 23.57 -8.13 15.55
CA SER A 762 24.29 -8.40 16.81
C SER A 762 23.79 -7.57 17.97
N GLU A 763 22.76 -6.77 17.78
CA GLU A 763 22.22 -5.92 18.84
C GLU A 763 21.52 -6.76 19.89
N VAL A 764 21.34 -6.21 21.08
CA VAL A 764 20.57 -6.87 22.13
C VAL A 764 19.08 -6.72 21.83
N TYR A 765 18.32 -7.81 22.02
CA TYR A 765 16.87 -7.84 21.86
C TYR A 765 16.24 -8.32 23.14
N TYR A 766 15.22 -7.59 23.60
CA TYR A 766 14.59 -7.82 24.89
C TYR A 766 13.12 -8.18 24.73
N ASP A 767 12.60 -9.12 25.51
CA ASP A 767 11.15 -9.34 25.53
C ASP A 767 10.45 -8.06 25.99
N TYR A 768 9.45 -7.59 25.24
CA TYR A 768 8.72 -6.37 25.56
C TYR A 768 8.07 -6.44 26.94
N PHE A 769 7.67 -7.63 27.34
CA PHE A 769 6.86 -7.81 28.56
C PHE A 769 7.72 -8.12 29.78
N THR A 770 8.71 -8.98 29.61
CA THR A 770 9.49 -9.44 30.77
C THR A 770 10.88 -8.85 30.82
N TYR A 771 11.38 -8.23 29.75
CA TYR A 771 12.75 -7.77 29.59
C TYR A 771 13.79 -8.88 29.58
N ASP A 772 13.35 -10.13 29.37
CA ASP A 772 14.33 -11.18 29.15
C ASP A 772 15.16 -10.89 27.93
N ILE A 773 16.47 -11.11 28.02
CA ILE A 773 17.37 -10.93 26.90
C ILE A 773 17.26 -12.13 25.98
N ILE A 774 16.77 -11.92 24.77
CA ILE A 774 16.40 -13.01 23.88
C ILE A 774 17.58 -13.32 23.01
N SER A 775 18.29 -12.29 22.60
CA SER A 775 19.54 -12.47 21.87
C SER A 775 20.44 -11.30 22.17
N ALA A 776 21.75 -11.56 22.11
CA ALA A 776 22.72 -10.52 21.98
C ALA A 776 23.94 -11.05 21.18
N ALA A 777 24.69 -10.12 20.59
CA ALA A 777 26.04 -10.34 20.06
C ALA A 777 26.11 -10.99 18.66
N LYS A 778 25.03 -11.61 18.16
CA LYS A 778 25.12 -12.34 16.87
C LYS A 778 23.74 -12.64 16.30
N SER A 779 23.58 -12.39 15.01
CA SER A 779 22.36 -12.79 14.30
C SER A 779 22.16 -14.31 14.41
N LYS A 780 20.92 -14.75 14.63
CA LYS A 780 20.59 -16.16 14.94
C LYS A 780 19.07 -16.39 14.85
N THR A 781 18.59 -17.61 15.00
CA THR A 781 17.16 -17.85 15.26
C THR A 781 16.93 -18.21 16.72
N ALA A 782 16.08 -17.44 17.39
CA ALA A 782 15.79 -17.62 18.80
C ALA A 782 14.42 -18.21 18.98
N THR A 783 14.27 -19.17 19.89
CA THR A 783 12.98 -19.74 20.17
C THR A 783 12.41 -19.04 21.38
N LEU A 784 11.18 -18.56 21.24
CA LEU A 784 10.46 -17.78 22.26
C LEU A 784 9.22 -18.56 22.64
N ASP A 785 8.98 -18.75 23.93
CA ASP A 785 7.72 -19.30 24.42
C ASP A 785 6.58 -18.44 23.87
N ALA A 786 5.51 -19.10 23.41
CA ALA A 786 4.38 -18.35 22.81
C ALA A 786 3.07 -19.09 22.96
N PRO A 787 2.63 -19.30 24.22
CA PRO A 787 1.27 -19.84 24.41
C PRO A 787 0.20 -18.88 23.91
N LEU A 788 -1.05 -19.29 23.97
CA LEU A 788 -2.12 -18.47 23.43
C LEU A 788 -2.11 -17.08 24.00
N GLU A 789 -1.78 -16.91 25.26
CA GLU A 789 -1.82 -15.63 25.91
C GLU A 789 -0.62 -14.74 25.64
N LYS A 790 0.31 -15.18 24.79
CA LYS A 790 1.53 -14.42 24.47
C LYS A 790 1.49 -13.80 23.07
N ILE A 791 1.84 -12.50 23.05
CA ILE A 791 2.12 -11.75 21.83
C ILE A 791 3.65 -11.67 21.71
N PRO A 792 4.26 -12.35 20.71
CA PRO A 792 5.72 -12.30 20.65
C PRO A 792 6.23 -10.97 20.11
N LEU A 793 6.85 -10.20 20.99
CA LEU A 793 7.24 -8.82 20.69
C LEU A 793 8.56 -8.52 21.38
N LEU A 794 9.56 -8.14 20.60
CA LEU A 794 10.89 -7.83 21.10
C LEU A 794 11.20 -6.37 20.93
N MET A 795 12.08 -5.87 21.81
CA MET A 795 12.60 -4.52 21.72
C MET A 795 14.06 -4.55 21.38
N ARG A 796 14.45 -3.90 20.29
CA ARG A 796 15.84 -3.80 19.86
C ARG A 796 16.54 -2.68 20.62
N GLY A 797 17.76 -2.97 21.08
CA GLY A 797 18.61 -1.89 21.62
C GLY A 797 18.90 -0.80 20.63
N GLY A 798 19.05 0.41 21.16
CA GLY A 798 19.36 1.56 20.35
C GLY A 798 18.14 2.42 20.02
N HIS A 799 17.00 2.14 20.65
CA HIS A 799 15.72 2.79 20.28
C HIS A 799 15.03 3.34 21.50
N VAL A 800 14.31 4.44 21.28
CA VAL A 800 13.38 5.00 22.28
C VAL A 800 11.99 5.02 21.64
N PHE A 801 10.97 4.68 22.40
CA PHE A 801 9.60 4.86 21.89
C PHE A 801 8.66 5.29 23.01
N ALA A 802 7.59 5.97 22.61
CA ALA A 802 6.57 6.46 23.53
C ALA A 802 5.34 5.57 23.51
N ARG A 803 4.70 5.49 24.67
CA ARG A 803 3.43 4.82 24.84
C ARG A 803 2.60 5.57 25.86
N ARG A 804 1.34 5.21 25.92
CA ARG A 804 0.41 5.75 26.92
C ARG A 804 -0.11 4.59 27.73
N ASP A 805 0.20 4.58 29.03
CA ASP A 805 -0.09 3.42 29.88
C ASP A 805 -1.52 3.41 30.42
N ILE A 806 -2.16 4.56 30.53
CA ILE A 806 -3.47 4.60 31.20
C ILE A 806 -4.49 4.04 30.21
N PRO A 807 -5.23 2.98 30.58
CA PRO A 807 -6.21 2.44 29.64
C PRO A 807 -7.43 3.35 29.53
N ARG A 808 -7.90 3.57 28.31
CA ARG A 808 -9.11 4.37 28.07
C ARG A 808 -9.99 3.64 27.08
N ARG A 809 -11.23 4.09 26.99
CA ARG A 809 -12.25 3.43 26.18
C ARG A 809 -12.12 3.68 24.66
N SER A 810 -11.40 4.73 24.29
CA SER A 810 -11.20 5.13 22.88
C SER A 810 -9.97 5.98 22.77
N SER A 811 -9.45 6.14 21.56
CA SER A 811 -8.31 7.01 21.38
C SER A 811 -8.57 8.47 21.76
N ALA A 812 -9.79 8.98 21.51
CA ALA A 812 -10.07 10.38 21.82
C ALA A 812 -9.94 10.62 23.33
N LEU A 813 -10.28 9.61 24.12
CA LEU A 813 -10.24 9.74 25.58
C LEU A 813 -8.81 9.66 26.14
N MET A 814 -7.83 9.33 25.28
CA MET A 814 -6.41 9.35 25.65
C MET A 814 -5.70 10.64 25.37
N LYS A 815 -6.36 11.56 24.66
CA LYS A 815 -5.67 12.69 24.00
C LYS A 815 -4.83 13.55 24.93
N TRP A 816 -5.24 13.64 26.19
CA TRP A 816 -4.56 14.55 27.13
C TRP A 816 -3.81 13.79 28.23
N ASP A 817 -3.61 12.49 28.04
CA ASP A 817 -2.98 11.67 29.04
C ASP A 817 -1.44 11.68 28.94
N PRO A 818 -0.77 11.42 30.07
CA PRO A 818 0.68 11.47 30.07
C PRO A 818 1.34 10.31 29.30
N TYR A 819 2.53 10.58 28.82
CA TYR A 819 3.34 9.61 28.10
C TYR A 819 4.34 8.88 29.01
N THR A 820 4.60 7.63 28.65
CA THR A 820 5.73 6.86 29.13
C THR A 820 6.76 6.72 28.02
N LEU A 821 8.04 6.95 28.30
CA LEU A 821 9.10 6.69 27.34
C LEU A 821 9.84 5.45 27.74
N VAL A 822 10.04 4.56 26.77
CA VAL A 822 10.85 3.36 26.96
C VAL A 822 12.13 3.55 26.18
N VAL A 823 13.26 3.54 26.91
CA VAL A 823 14.58 3.71 26.37
C VAL A 823 15.24 2.34 26.38
N VAL A 824 15.56 1.81 25.20
CA VAL A 824 16.05 0.45 25.12
C VAL A 824 17.53 0.53 24.72
N LEU A 825 18.42 0.16 25.65
CA LEU A 825 19.87 0.31 25.47
C LEU A 825 20.50 -1.02 25.14
N GLY A 826 21.40 -1.03 24.17
CA GLY A 826 22.37 -2.11 24.02
C GLY A 826 23.69 -1.70 24.63
N ASN A 827 24.76 -2.31 24.15
CA ASN A 827 26.05 -2.15 24.78
C ASN A 827 26.57 -0.74 24.59
N ASP A 828 26.17 -0.06 23.53
CA ASP A 828 26.58 1.35 23.35
C ASP A 828 26.00 2.28 24.40
N ARG A 829 24.93 1.86 25.07
CA ARG A 829 24.22 2.74 25.99
C ARG A 829 23.84 4.06 25.33
N LYS A 830 23.29 3.92 24.13
CA LYS A 830 22.93 5.03 23.26
C LYS A 830 21.63 4.63 22.56
N ALA A 831 20.75 5.59 22.33
CA ALA A 831 19.47 5.26 21.66
C ALA A 831 18.84 6.51 21.06
N GLU A 832 17.95 6.31 20.09
CA GLU A 832 17.19 7.41 19.53
C GLU A 832 15.78 6.96 19.20
N GLY A 833 14.84 7.88 19.33
CA GLY A 833 13.49 7.64 18.86
C GLY A 833 12.77 8.97 18.77
N ASP A 834 11.48 8.92 18.52
CA ASP A 834 10.74 10.16 18.32
C ASP A 834 9.26 9.99 18.63
N LEU A 835 8.56 11.11 18.73
CA LEU A 835 7.13 11.13 19.05
C LEU A 835 6.52 12.34 18.36
N TYR A 836 5.51 12.08 17.51
CA TYR A 836 4.78 13.13 16.79
C TYR A 836 3.36 13.18 17.30
N VAL A 837 2.88 14.37 17.62
CA VAL A 837 1.49 14.54 18.11
C VAL A 837 0.94 15.82 17.52
N ASP A 838 -0.34 15.78 17.15
CA ASP A 838 -1.08 16.98 16.70
C ASP A 838 -2.56 16.77 17.03
N ASP A 839 -3.44 17.63 16.52
CA ASP A 839 -4.84 17.53 16.90
C ASP A 839 -5.59 16.37 16.24
N GLY A 840 -4.93 15.66 15.33
CA GLY A 840 -5.49 14.41 14.79
C GLY A 840 -6.55 14.56 13.74
N ASP A 841 -6.90 15.81 13.38
CA ASP A 841 -8.14 16.06 12.61
C ASP A 841 -7.99 17.14 11.55
N SER A 842 -7.31 18.22 11.87
CA SER A 842 -7.27 19.40 10.99
C SER A 842 -6.04 19.37 10.08
N PHE A 843 -5.89 20.38 9.24
CA PHE A 843 -4.68 20.61 8.49
C PHE A 843 -3.77 21.65 9.12
N ASP A 844 -3.97 21.94 10.40
CA ASP A 844 -3.12 22.89 11.10
C ASP A 844 -1.67 22.42 11.18
N TYR A 845 -1.43 21.11 11.09
CA TYR A 845 -0.06 20.60 11.02
C TYR A 845 0.75 21.24 9.88
N GLU A 846 0.05 21.66 8.82
CA GLU A 846 0.72 22.29 7.67
C GLU A 846 1.32 23.66 8.01
N LYS A 847 0.81 24.27 9.06
CA LYS A 847 1.24 25.58 9.55
C LYS A 847 1.99 25.42 10.88
N GLY A 848 2.54 24.22 11.14
CA GLY A 848 3.44 24.05 12.28
C GLY A 848 2.79 23.69 13.60
N GLN A 849 1.47 23.47 13.62
CA GLN A 849 0.78 23.21 14.86
C GLN A 849 0.87 21.73 15.21
N TYR A 850 2.05 21.34 15.67
CA TYR A 850 2.31 19.95 16.07
C TYR A 850 3.48 19.95 17.02
N ILE A 851 3.59 18.84 17.76
CA ILE A 851 4.76 18.53 18.59
C ILE A 851 5.47 17.37 17.90
N HIS A 852 6.76 17.49 17.66
CA HIS A 852 7.54 16.36 17.17
C HIS A 852 8.84 16.36 17.93
N ARG A 853 8.99 15.38 18.82
CA ARG A 853 10.18 15.29 19.71
C ARG A 853 11.11 14.27 19.19
N ARG A 854 12.40 14.60 19.12
CA ARG A 854 13.46 13.62 18.96
C ARG A 854 14.03 13.35 20.33
N PHE A 855 14.05 12.08 20.72
CA PHE A 855 14.60 11.64 22.00
C PHE A 855 15.93 10.98 21.73
N ILE A 856 16.98 11.44 22.39
CA ILE A 856 18.30 10.85 22.24
C ILE A 856 18.84 10.49 23.61
N PHE A 857 19.21 9.22 23.80
CA PHE A 857 19.96 8.80 24.98
C PHE A 857 21.41 8.63 24.60
N ASP A 858 22.31 9.29 25.33
CA ASP A 858 23.76 9.21 25.04
C ASP A 858 24.51 9.68 26.28
N ALA A 859 25.57 8.96 26.62
CA ALA A 859 26.43 9.41 27.76
C ALA A 859 25.58 9.76 28.98
N ASN A 860 24.72 8.81 29.37
CA ASN A 860 23.95 8.89 30.62
C ASN A 860 22.84 9.95 30.63
N THR A 861 22.54 10.50 29.45
CA THR A 861 21.62 11.63 29.35
C THR A 861 20.54 11.38 28.31
N LEU A 862 19.29 11.60 28.71
CA LEU A 862 18.14 11.59 27.80
C LEU A 862 17.74 13.02 27.50
N THR A 863 17.73 13.37 26.23
CA THR A 863 17.28 14.69 25.83
C THR A 863 16.08 14.59 24.90
N SER A 864 15.28 15.63 24.94
CA SER A 864 14.17 15.86 24.04
C SER A 864 14.37 17.18 23.34
N ALA A 865 14.29 17.19 22.01
CA ALA A 865 14.49 18.36 21.18
C ALA A 865 13.41 18.35 20.10
N ASP A 866 13.06 19.49 19.54
CA ASP A 866 12.21 19.49 18.37
C ASP A 866 12.87 18.74 17.23
N TYR A 867 12.12 17.82 16.62
CA TYR A 867 12.65 16.92 15.58
C TYR A 867 13.23 17.65 14.39
N GLU A 868 12.60 18.78 14.04
CA GLU A 868 13.05 19.60 12.89
C GLU A 868 13.92 20.78 13.28
N GLY A 869 14.27 20.89 14.55
CA GLY A 869 15.14 21.98 15.01
C GLY A 869 14.51 23.35 15.00
N ARG A 870 13.18 23.41 15.09
CA ARG A 870 12.51 24.72 15.03
C ARG A 870 12.80 25.51 16.30
N ASP A 871 12.92 26.83 16.14
CA ASP A 871 12.95 27.78 17.25
C ASP A 871 11.59 27.86 17.97
N ASP A 872 11.61 27.73 19.30
CA ASP A 872 10.46 28.08 20.13
C ASP A 872 9.94 29.49 19.85
N LYS A 876 3.87 30.27 16.82
CA LYS A 876 2.68 30.90 17.38
C LYS A 876 1.66 29.87 17.82
N GLU A 877 1.52 29.66 19.13
CA GLU A 877 0.76 28.51 19.63
C GLU A 877 -0.73 28.68 19.47
N GLY A 878 -1.35 27.75 18.74
CA GLY A 878 -2.78 27.67 18.66
C GLY A 878 -3.40 26.99 19.85
N GLU A 879 -4.70 26.80 19.78
CA GLU A 879 -5.50 26.28 20.89
C GLU A 879 -5.04 24.87 21.31
N TRP A 880 -4.80 24.00 20.34
CA TRP A 880 -4.39 22.62 20.63
C TRP A 880 -3.00 22.61 21.30
N LEU A 881 -2.03 23.33 20.75
CA LEU A 881 -0.69 23.41 21.35
C LEU A 881 -0.73 23.97 22.75
N LYS A 882 -1.54 25.02 22.96
CA LYS A 882 -1.69 25.54 24.31
C LYS A 882 -2.22 24.50 25.29
N LYS A 883 -3.27 23.77 24.91
CA LYS A 883 -3.80 22.76 25.78
C LYS A 883 -2.80 21.63 26.05
N MET A 884 -1.91 21.34 25.09
CA MET A 884 -0.87 20.32 25.30
C MET A 884 0.15 20.69 26.38
N ARG A 885 0.17 21.94 26.83
CA ARG A 885 1.06 22.33 27.91
C ARG A 885 0.73 21.61 29.22
N THR A 886 -0.46 21.05 29.35
CA THR A 886 -0.80 20.24 30.51
C THR A 886 -0.38 18.78 30.39
N VAL A 887 0.16 18.40 29.23
CA VAL A 887 0.43 16.99 28.95
C VAL A 887 1.93 16.72 29.11
N ASN A 888 2.25 15.78 29.99
CA ASN A 888 3.64 15.51 30.38
C ASN A 888 4.13 14.14 29.91
N VAL A 889 5.44 14.03 29.82
CA VAL A 889 6.11 12.75 30.03
C VAL A 889 6.20 12.54 31.53
N GLU A 890 5.62 11.44 32.02
CA GLU A 890 5.63 11.15 33.45
C GLU A 890 6.47 9.97 33.89
N LYS A 891 6.78 9.06 32.97
N LYS A 891 6.72 9.02 32.99
CA LYS A 891 7.47 7.82 33.34
CA LYS A 891 7.50 7.84 33.35
C LYS A 891 8.52 7.53 32.28
C LYS A 891 8.54 7.56 32.28
N ILE A 892 9.72 7.17 32.71
CA ILE A 892 10.77 6.69 31.81
C ILE A 892 11.23 5.33 32.30
N ILE A 893 11.25 4.36 31.41
CA ILE A 893 11.80 3.04 31.72
C ILE A 893 13.04 2.86 30.87
N VAL A 894 14.18 2.53 31.47
CA VAL A 894 15.39 2.21 30.76
C VAL A 894 15.65 0.74 30.87
N VAL A 895 15.64 0.05 29.73
CA VAL A 895 15.94 -1.38 29.66
C VAL A 895 17.36 -1.57 29.18
N GLY A 896 18.11 -2.42 29.88
CA GLY A 896 19.54 -2.50 29.68
C GLY A 896 20.28 -1.42 30.45
N ALA A 897 19.80 -1.14 31.67
CA ALA A 897 20.39 -0.10 32.50
C ALA A 897 21.79 -0.50 32.97
N PRO A 898 22.77 0.40 32.88
CA PRO A 898 24.12 -0.01 33.31
C PRO A 898 24.25 -0.20 34.80
N ALA A 899 25.15 -1.09 35.20
CA ALA A 899 25.32 -1.48 36.57
C ALA A 899 25.76 -0.31 37.47
N ALA A 900 26.47 0.65 36.89
CA ALA A 900 26.94 1.83 37.62
C ALA A 900 25.83 2.68 38.19
N TRP A 901 24.60 2.51 37.70
CA TRP A 901 23.47 3.25 38.22
C TRP A 901 22.96 2.66 39.52
N LYS A 902 23.43 1.47 39.90
CA LYS A 902 22.96 0.80 41.08
C LYS A 902 23.29 1.65 42.32
N GLY A 903 22.32 1.79 43.20
CA GLY A 903 22.50 2.57 44.43
C GLY A 903 22.21 4.05 44.31
N LYS A 904 22.11 4.56 43.08
CA LYS A 904 21.81 5.98 42.84
C LYS A 904 20.31 6.12 42.89
N LYS A 905 19.81 7.02 43.73
CA LYS A 905 18.39 7.05 44.02
C LYS A 905 17.63 8.13 43.24
N THR A 906 18.35 9.01 42.55
CA THR A 906 17.73 10.04 41.72
C THR A 906 18.36 10.19 40.34
N VAL A 907 17.59 10.80 39.46
CA VAL A 907 18.13 11.43 38.25
C VAL A 907 17.91 12.93 38.37
N THR A 908 18.63 13.70 37.57
CA THR A 908 18.48 15.17 37.55
C THR A 908 17.77 15.57 36.28
N VAL A 909 16.64 16.25 36.43
CA VAL A 909 15.79 16.67 35.33
C VAL A 909 15.95 18.15 35.12
N GLU A 910 16.12 18.58 33.88
CA GLU A 910 16.12 19.99 33.52
C GLU A 910 15.11 20.25 32.41
N SER A 911 14.25 21.25 32.58
CA SER A 911 13.21 21.56 31.60
C SER A 911 12.73 23.00 31.82
N GLU A 912 12.74 23.79 30.75
CA GLU A 912 12.18 25.17 30.73
C GLU A 912 12.83 26.01 31.85
N GLY A 913 14.14 25.83 32.01
CA GLY A 913 14.92 26.61 33.00
C GLY A 913 14.92 26.08 34.41
N LYS A 914 14.11 25.07 34.72
CA LYS A 914 14.01 24.53 36.07
C LYS A 914 14.74 23.20 36.17
N THR A 915 15.42 22.96 37.27
CA THR A 915 16.16 21.73 37.53
C THR A 915 15.66 21.08 38.81
N TRP A 916 15.46 19.77 38.79
CA TRP A 916 15.00 19.03 39.95
C TRP A 916 15.46 17.58 39.96
N ALA A 917 15.38 16.95 41.12
CA ALA A 917 15.66 15.51 41.22
C ALA A 917 14.37 14.74 41.08
N ALA A 918 14.44 13.60 40.40
CA ALA A 918 13.31 12.66 40.37
C ALA A 918 13.82 11.30 40.81
N ALA A 919 12.97 10.57 41.54
CA ALA A 919 13.33 9.26 42.06
C ALA A 919 13.46 8.27 40.92
N ILE A 920 14.49 7.43 41.02
CA ILE A 920 14.69 6.32 40.08
C ILE A 920 14.84 5.03 40.88
N GLU A 921 14.21 3.96 40.40
CA GLU A 921 14.36 2.61 40.96
C GLU A 921 15.22 1.80 40.01
N TYR A 922 16.35 1.29 40.50
CA TYR A 922 17.25 0.45 39.71
C TYR A 922 16.99 -0.99 40.05
N ASN A 923 16.88 -1.82 39.02
CA ASN A 923 16.64 -3.26 39.20
C ASN A 923 17.76 -4.02 38.52
N PRO A 924 18.58 -4.75 39.28
CA PRO A 924 19.70 -5.43 38.63
C PRO A 924 19.24 -6.57 37.70
N ALA A 925 20.11 -6.96 36.78
CA ALA A 925 19.85 -8.13 35.94
C ALA A 925 19.61 -9.32 36.84
N GLU A 926 18.72 -10.19 36.43
CA GLU A 926 18.37 -11.37 37.20
C GLU A 926 18.08 -12.50 36.22
N LYS A 927 18.88 -13.56 36.28
CA LYS A 927 18.84 -14.63 35.30
C LYS A 927 18.95 -14.03 33.89
N SER A 928 18.01 -14.30 32.99
CA SER A 928 18.10 -13.69 31.66
C SER A 928 17.37 -12.37 31.58
N ARG A 929 16.72 -11.92 32.65
CA ARG A 929 16.05 -10.60 32.66
C ARG A 929 17.08 -9.49 32.73
N ALA A 930 16.96 -8.50 31.85
CA ALA A 930 17.82 -7.36 31.83
C ALA A 930 17.71 -6.53 33.10
N ALA A 931 18.82 -5.85 33.42
CA ALA A 931 18.74 -4.75 34.36
C ALA A 931 17.85 -3.65 33.78
N PHE A 932 17.01 -3.06 34.60
CA PHE A 932 16.16 -1.97 34.12
C PHE A 932 15.94 -0.97 35.22
N ALA A 933 15.69 0.28 34.84
CA ALA A 933 15.49 1.35 35.79
C ALA A 933 14.23 2.10 35.45
N VAL A 934 13.51 2.58 36.45
CA VAL A 934 12.24 3.25 36.26
C VAL A 934 12.25 4.59 36.98
N VAL A 935 11.98 5.66 36.24
CA VAL A 935 11.78 6.99 36.80
C VAL A 935 10.31 7.29 36.75
N LYS A 936 9.71 7.55 37.91
CA LYS A 936 8.29 7.90 37.99
C LYS A 936 8.14 9.40 38.24
N LYS A 937 6.95 9.90 37.90
CA LYS A 937 6.57 11.30 38.15
C LYS A 937 7.61 12.29 37.65
N VAL A 938 8.10 12.06 36.43
CA VAL A 938 9.09 12.90 35.78
C VAL A 938 8.62 14.38 35.69
N GLY A 939 7.37 14.55 35.29
CA GLY A 939 6.72 15.85 35.35
C GLY A 939 7.22 16.89 34.38
N VAL A 940 7.54 16.50 33.14
CA VAL A 940 8.04 17.44 32.14
C VAL A 940 7.04 17.54 30.99
N ARG A 941 6.75 18.76 30.54
CA ARG A 941 5.74 18.90 29.50
C ARG A 941 6.31 18.38 28.18
N VAL A 942 5.46 17.66 27.43
CA VAL A 942 5.94 16.89 26.28
C VAL A 942 6.40 17.82 25.16
N GLY A 943 5.85 19.04 25.13
CA GLY A 943 6.20 20.02 24.11
C GLY A 943 7.47 20.82 24.32
N ALA A 944 8.14 20.58 25.44
CA ALA A 944 9.31 21.38 25.83
C ALA A 944 10.58 20.55 25.78
N ASP A 945 11.69 21.21 25.45
CA ASP A 945 13.01 20.59 25.58
C ASP A 945 13.19 20.08 27.00
N PHE A 946 13.93 18.98 27.12
CA PHE A 946 14.39 18.56 28.42
C PHE A 946 15.67 17.78 28.34
N LYS A 947 16.31 17.67 29.49
CA LYS A 947 17.56 16.95 29.67
C LYS A 947 17.48 16.23 31.00
N ILE A 948 17.67 14.92 31.00
CA ILE A 948 17.59 14.11 32.21
C ILE A 948 18.88 13.32 32.33
N VAL A 949 19.61 13.54 33.43
CA VAL A 949 20.91 12.91 33.62
C VAL A 949 20.81 11.78 34.64
N PHE A 950 21.28 10.60 34.23
CA PHE A 950 21.20 9.37 34.99
C PHE A 950 22.60 9.09 35.56
N GLY A 951 22.62 8.38 36.67
CA GLY A 951 23.87 7.87 37.23
C GLY A 951 24.45 8.79 38.26
C TRS B . -18.39 -6.17 1.35
C1 TRS B . -19.14 -4.90 1.83
C2 TRS B . -19.02 -7.33 2.12
C3 TRS B . -16.84 -6.13 1.46
N TRS B . -18.68 -6.30 -0.09
O1 TRS B . -20.59 -4.92 1.49
O2 TRS B . -18.98 -6.96 3.52
O3 TRS B . -16.03 -6.85 0.46
CL CL C . 4.63 5.23 -38.47
CL CL D . 14.14 1.82 9.11
#